data_9V4I
#
_entry.id   9V4I
#
_cell.length_a   58.879
_cell.length_b   72.425
_cell.length_c   83.774
_cell.angle_alpha   93.455
_cell.angle_beta   110.501
_cell.angle_gamma   90.085
#
_symmetry.space_group_name_H-M   'P 1'
#
loop_
_entity.id
_entity.type
_entity.pdbx_description
1 polymer prenyltransferase
2 non-polymer 'MAGNESIUM ION'
3 water water
#
_entity_poly.entity_id   1
_entity_poly.type   'polypeptide(L)'
_entity_poly.pdbx_seq_one_letter_code
;MTDIDVPQVADPEVAAMVRAEVEGRWPLGVSGLDEVVRYGLVPFGKMMGPWLLIRSALAVGGDIATALPAAVALECVQVG
AMMHDDIIDCDAQRRSKPAAHTVFGEPTAIVGGDGLFFHGFAALSECREAGAPAERVAQAFTVLSRAGLRIGSAALREIR
MSREICSVQDYLDMIADKSGALLWMACGVGGTLGGADEAALKALSQYSDQLGIAYQIRADLMAYDGTRAGKPNISDVRNG
RPTLPVLLAHERAPREQQLRIERLLADTAAPAAERYKAMADLVGAYDGAQAAREVSHRHVQLATRALQTLPPSPHRDALE
DLTVPGRLVLEHHHHHH
;
_entity_poly.pdbx_strand_id   A,B,C,D
#
loop_
_chem_comp.id
_chem_comp.type
_chem_comp.name
_chem_comp.formula
MG non-polymer 'MAGNESIUM ION' 'Mg 2'
#
# COMPACT_ATOMS: atom_id res chain seq x y z
N ASP A 5 -40.41 -16.58 42.60
CA ASP A 5 -41.60 -15.77 42.86
C ASP A 5 -41.23 -14.34 43.21
N VAL A 6 -40.59 -14.17 44.38
CA VAL A 6 -40.17 -12.87 44.85
C VAL A 6 -38.84 -12.51 44.16
N PRO A 7 -38.66 -11.27 43.71
CA PRO A 7 -37.36 -10.88 43.15
C PRO A 7 -36.26 -10.99 44.19
N GLN A 8 -35.18 -11.69 43.83
CA GLN A 8 -34.01 -11.76 44.67
C GLN A 8 -32.91 -10.81 44.21
N VAL A 9 -33.01 -10.30 42.99
CA VAL A 9 -32.18 -9.20 42.50
C VAL A 9 -33.12 -8.04 42.16
N ALA A 10 -32.54 -6.86 42.06
CA ALA A 10 -33.34 -5.65 41.89
C ALA A 10 -33.65 -5.37 40.42
N ASP A 11 -34.48 -4.36 40.21
CA ASP A 11 -34.85 -3.87 38.88
C ASP A 11 -34.63 -2.37 38.83
N PRO A 12 -33.52 -1.91 38.26
CA PRO A 12 -33.20 -0.48 38.25
C PRO A 12 -33.91 0.26 37.11
N GLU A 13 -33.70 1.59 37.08
CA GLU A 13 -34.25 2.46 36.05
C GLU A 13 -33.19 2.66 34.97
N VAL A 14 -33.19 1.74 34.00
CA VAL A 14 -32.10 1.71 33.01
C VAL A 14 -32.23 2.84 32.02
N ALA A 15 -33.45 3.08 31.51
CA ALA A 15 -33.63 3.99 30.37
C ALA A 15 -33.16 5.41 30.69
N ALA A 16 -33.60 5.96 31.83
CA ALA A 16 -33.23 7.33 32.15
C ALA A 16 -31.77 7.44 32.58
N MET A 17 -31.24 6.41 33.23
CA MET A 17 -29.85 6.47 33.67
C MET A 17 -28.89 6.54 32.48
N VAL A 18 -29.22 5.84 31.40
CA VAL A 18 -28.41 5.92 30.19
C VAL A 18 -28.45 7.33 29.61
N ARG A 19 -29.66 7.87 29.42
CA ARG A 19 -29.81 9.20 28.83
C ARG A 19 -29.02 10.24 29.61
N ALA A 20 -29.01 10.14 30.94
CA ALA A 20 -28.25 11.08 31.75
C ALA A 20 -26.75 10.94 31.50
N GLU A 21 -26.28 9.72 31.27
CA GLU A 21 -24.86 9.50 31.03
C GLU A 21 -24.43 10.03 29.67
N VAL A 22 -25.20 9.75 28.63
CA VAL A 22 -24.85 10.24 27.29
C VAL A 22 -24.94 11.75 27.24
N GLU A 23 -25.99 12.32 27.84
CA GLU A 23 -26.12 13.78 27.88
C GLU A 23 -24.98 14.40 28.68
N GLY A 24 -24.55 13.74 29.75
CA GLY A 24 -23.42 14.24 30.52
C GLY A 24 -22.14 14.28 29.69
N ARG A 25 -21.97 13.30 28.81
CA ARG A 25 -20.75 13.21 28.02
C ARG A 25 -20.75 14.18 26.84
N TRP A 26 -21.92 14.46 26.27
CA TRP A 26 -22.08 15.41 25.17
C TRP A 26 -23.27 16.31 25.47
N PRO A 27 -23.10 17.28 26.37
CA PRO A 27 -24.22 18.12 26.77
C PRO A 27 -24.54 19.17 25.71
N LEU A 28 -25.65 19.87 25.94
CA LEU A 28 -26.03 20.98 25.08
C LEU A 28 -24.95 22.05 25.11
N GLY A 29 -24.50 22.47 23.93
CA GLY A 29 -23.48 23.49 23.81
C GLY A 29 -22.12 22.99 23.40
N VAL A 30 -21.95 21.67 23.23
CA VAL A 30 -20.66 21.14 22.79
C VAL A 30 -20.35 21.65 21.38
N SER A 31 -19.06 21.80 21.09
CA SER A 31 -18.58 22.27 19.81
C SER A 31 -17.58 21.26 19.25
N GLY A 32 -16.98 21.62 18.12
CA GLY A 32 -15.97 20.78 17.51
C GLY A 32 -16.55 19.46 17.04
N LEU A 33 -15.77 18.39 17.24
CA LEU A 33 -16.22 17.07 16.80
C LEU A 33 -17.41 16.59 17.61
N ASP A 34 -17.48 16.97 18.89
CA ASP A 34 -18.60 16.54 19.72
C ASP A 34 -19.92 17.15 19.27
N GLU A 35 -19.89 18.28 18.56
CA GLU A 35 -21.14 18.86 18.09
C GLU A 35 -21.82 17.96 17.06
N VAL A 36 -21.05 17.46 16.08
CA VAL A 36 -21.64 16.53 15.12
C VAL A 36 -21.93 15.20 15.79
N VAL A 37 -21.09 14.79 16.76
CA VAL A 37 -21.39 13.60 17.54
C VAL A 37 -22.74 13.75 18.24
N ARG A 38 -22.94 14.86 18.93
CA ARG A 38 -24.19 15.08 19.65
C ARG A 38 -25.38 15.10 18.70
N TYR A 39 -25.20 15.68 17.51
CA TYR A 39 -26.29 15.75 16.54
C TYR A 39 -26.82 14.36 16.21
N GLY A 40 -25.91 13.40 16.02
CA GLY A 40 -26.36 12.04 15.77
C GLY A 40 -27.03 11.40 16.96
N LEU A 41 -26.64 11.81 18.17
CA LEU A 41 -27.20 11.21 19.37
C LEU A 41 -28.60 11.76 19.68
N VAL A 42 -28.81 13.05 19.49
CA VAL A 42 -30.07 13.68 19.86
C VAL A 42 -30.98 13.79 18.64
N PRO A 43 -32.30 13.63 18.80
CA PRO A 43 -33.00 13.30 20.06
C PRO A 43 -32.63 11.90 20.53
N PHE A 44 -32.57 11.70 21.85
CA PHE A 44 -32.09 10.43 22.38
C PHE A 44 -32.99 9.28 21.96
N GLY A 45 -34.30 9.43 22.13
CA GLY A 45 -35.22 8.38 21.76
C GLY A 45 -35.28 7.27 22.79
N LYS A 46 -35.59 6.07 22.31
CA LYS A 46 -35.81 4.95 23.23
C LYS A 46 -34.51 4.27 23.64
N MET A 47 -33.57 4.14 22.71
CA MET A 47 -32.26 3.53 23.00
C MET A 47 -32.42 2.09 23.50
N MET A 48 -33.18 1.29 22.76
CA MET A 48 -33.47 -0.06 23.22
C MET A 48 -32.21 -0.92 23.22
N GLY A 49 -31.26 -0.60 22.34
CA GLY A 49 -29.98 -1.29 22.30
C GLY A 49 -29.24 -1.19 23.62
N PRO A 50 -28.87 0.04 24.04
CA PRO A 50 -28.24 0.20 25.35
C PRO A 50 -29.06 -0.36 26.49
N TRP A 51 -30.39 -0.25 26.41
CA TRP A 51 -31.24 -0.85 27.42
C TRP A 51 -31.10 -2.37 27.43
N LEU A 52 -30.99 -2.97 26.25
CA LEU A 52 -30.86 -4.42 26.16
C LEU A 52 -29.50 -4.90 26.67
N LEU A 53 -28.44 -4.10 26.45
CA LEU A 53 -27.11 -4.49 26.90
C LEU A 53 -27.05 -4.55 28.42
N ILE A 54 -27.55 -3.51 29.09
CA ILE A 54 -27.51 -3.46 30.55
C ILE A 54 -28.38 -4.56 31.15
N ARG A 55 -29.56 -4.77 30.57
CA ARG A 55 -30.42 -5.85 31.04
C ARG A 55 -29.75 -7.21 30.87
N SER A 56 -29.08 -7.43 29.74
CA SER A 56 -28.38 -8.69 29.53
C SER A 56 -27.25 -8.87 30.54
N ALA A 57 -26.54 -7.79 30.86
CA ALA A 57 -25.48 -7.87 31.86
C ALA A 57 -26.05 -8.17 33.25
N LEU A 58 -27.15 -7.52 33.62
CA LEU A 58 -27.75 -7.77 34.92
C LEU A 58 -28.44 -9.12 34.96
N ALA A 59 -28.90 -9.63 33.81
CA ALA A 59 -29.55 -10.93 33.78
C ALA A 59 -28.59 -12.04 34.19
N VAL A 60 -27.29 -11.84 33.98
CA VAL A 60 -26.28 -12.84 34.31
C VAL A 60 -25.49 -12.45 35.56
N GLY A 61 -25.91 -11.41 36.27
CA GLY A 61 -25.27 -11.02 37.50
C GLY A 61 -24.22 -9.93 37.38
N GLY A 62 -24.17 -9.23 36.26
CA GLY A 62 -23.15 -8.22 36.04
C GLY A 62 -23.39 -6.97 36.86
N ASP A 63 -22.51 -5.99 36.65
CA ASP A 63 -22.55 -4.72 37.37
C ASP A 63 -23.08 -3.62 36.47
N ILE A 64 -23.88 -2.72 37.06
CA ILE A 64 -24.36 -1.55 36.34
C ILE A 64 -23.19 -0.68 35.92
N ALA A 65 -22.25 -0.46 36.83
CA ALA A 65 -21.11 0.41 36.56
C ALA A 65 -20.22 -0.14 35.45
N THR A 66 -20.18 -1.45 35.28
CA THR A 66 -19.43 -2.03 34.18
C THR A 66 -20.21 -1.98 32.87
N ALA A 67 -21.50 -2.29 32.92
CA ALA A 67 -22.30 -2.33 31.70
C ALA A 67 -22.64 -0.95 31.16
N LEU A 68 -22.63 0.08 32.02
CA LEU A 68 -23.05 1.40 31.56
C LEU A 68 -22.14 1.98 30.49
N PRO A 69 -20.82 2.04 30.65
CA PRO A 69 -19.98 2.57 29.57
C PRO A 69 -20.06 1.74 28.29
N ALA A 70 -20.32 0.44 28.41
CA ALA A 70 -20.50 -0.39 27.22
C ALA A 70 -21.80 -0.03 26.50
N ALA A 71 -22.85 0.31 27.25
CA ALA A 71 -24.09 0.76 26.64
C ALA A 71 -23.88 2.07 25.89
N VAL A 72 -23.07 2.98 26.45
CA VAL A 72 -22.74 4.22 25.75
C VAL A 72 -21.94 3.92 24.49
N ALA A 73 -20.97 3.01 24.59
CA ALA A 73 -20.18 2.60 23.44
C ALA A 73 -21.07 2.14 22.29
N LEU A 74 -22.04 1.28 22.60
CA LEU A 74 -22.91 0.72 21.57
C LEU A 74 -23.73 1.80 20.87
N GLU A 75 -24.29 2.74 21.65
CA GLU A 75 -25.04 3.85 21.07
C GLU A 75 -24.19 4.61 20.05
N CYS A 76 -22.96 4.91 20.43
CA CYS A 76 -22.06 5.65 19.53
C CYS A 76 -21.75 4.83 18.28
N VAL A 77 -21.54 3.52 18.44
CA VAL A 77 -21.24 2.67 17.29
C VAL A 77 -22.43 2.57 16.35
N GLN A 78 -23.62 2.40 16.91
CA GLN A 78 -24.82 2.23 16.09
C GLN A 78 -25.23 3.54 15.44
N VAL A 79 -25.09 4.66 16.17
CA VAL A 79 -25.40 5.96 15.58
C VAL A 79 -24.35 6.32 14.53
N GLY A 80 -23.09 5.98 14.78
CA GLY A 80 -22.07 6.20 13.77
C GLY A 80 -22.30 5.40 12.50
N ALA A 81 -22.76 4.16 12.65
CA ALA A 81 -23.10 3.36 11.48
C ALA A 81 -24.34 3.92 10.80
N MET A 82 -25.31 4.39 11.58
CA MET A 82 -26.52 4.96 11.01
C MET A 82 -26.22 6.27 10.30
N MET A 83 -25.29 7.06 10.85
CA MET A 83 -24.89 8.31 10.21
C MET A 83 -24.26 8.06 8.84
N HIS A 84 -23.46 6.98 8.73
CA HIS A 84 -22.86 6.64 7.45
C HIS A 84 -23.85 5.96 6.51
N ASP A 85 -24.78 5.18 7.05
CA ASP A 85 -25.79 4.54 6.22
C ASP A 85 -26.71 5.57 5.57
N ASP A 86 -26.98 6.68 6.26
CA ASP A 86 -27.82 7.73 5.69
C ASP A 86 -27.19 8.33 4.43
N ILE A 87 -25.86 8.39 4.38
CA ILE A 87 -25.19 8.92 3.20
C ILE A 87 -25.45 8.04 1.99
N ILE A 88 -25.39 6.72 2.16
CA ILE A 88 -25.59 5.81 1.05
C ILE A 88 -27.06 5.44 0.86
N ASP A 89 -27.91 5.79 1.82
CA ASP A 89 -29.35 5.56 1.67
C ASP A 89 -29.97 6.67 0.83
N CYS A 90 -31.00 6.30 0.07
CA CYS A 90 -31.69 7.23 -0.82
C CYS A 90 -33.07 7.61 -0.32
N ASP A 91 -33.97 6.63 -0.15
CA ASP A 91 -35.33 6.91 0.28
C ASP A 91 -35.36 7.17 1.78
N ALA A 92 -35.87 8.33 2.17
CA ALA A 92 -35.93 8.73 3.56
C ALA A 92 -37.38 8.77 4.04
N GLN A 93 -37.61 8.22 5.23
CA GLN A 93 -38.93 8.30 5.84
C GLN A 93 -39.22 9.74 6.24
N ARG A 94 -40.50 10.13 6.14
CA ARG A 94 -40.89 11.46 6.57
C ARG A 94 -40.65 11.64 8.06
N ARG A 95 -40.90 10.60 8.85
CA ARG A 95 -40.63 10.66 10.28
C ARG A 95 -39.15 10.79 10.57
N SER A 96 -38.30 10.17 9.73
CA SER A 96 -36.86 10.18 9.97
C SER A 96 -36.31 11.61 9.93
N LYS A 97 -35.52 11.95 10.94
CA LYS A 97 -34.94 13.27 11.07
C LYS A 97 -34.00 13.57 9.89
N PRO A 98 -33.74 14.85 9.62
CA PRO A 98 -32.82 15.20 8.53
C PRO A 98 -31.46 14.53 8.71
N ALA A 99 -30.98 13.90 7.65
CA ALA A 99 -29.68 13.24 7.68
C ALA A 99 -28.57 14.23 7.93
N ALA A 100 -27.50 13.77 8.59
CA ALA A 100 -26.40 14.64 8.94
C ALA A 100 -25.68 15.18 7.71
N HIS A 101 -25.61 14.37 6.64
CA HIS A 101 -24.94 14.83 5.43
C HIS A 101 -25.76 15.91 4.72
N THR A 102 -27.09 15.86 4.82
CA THR A 102 -27.91 16.92 4.26
C THR A 102 -27.74 18.21 5.05
N VAL A 103 -27.45 18.09 6.35
CA VAL A 103 -27.31 19.26 7.23
C VAL A 103 -25.89 19.78 7.23
N PHE A 104 -24.91 18.92 7.53
CA PHE A 104 -23.53 19.35 7.69
C PHE A 104 -22.69 19.17 6.43
N GLY A 105 -23.22 18.53 5.40
CA GLY A 105 -22.44 18.14 4.25
C GLY A 105 -22.01 16.69 4.36
N GLU A 106 -21.85 16.05 3.20
CA GLU A 106 -21.43 14.65 3.20
C GLU A 106 -20.05 14.42 3.78
N PRO A 107 -19.02 15.24 3.51
CA PRO A 107 -17.71 14.98 4.14
C PRO A 107 -17.75 15.05 5.66
N THR A 108 -18.45 16.02 6.23
CA THR A 108 -18.54 16.13 7.68
C THR A 108 -19.28 14.96 8.29
N ALA A 109 -20.33 14.48 7.62
CA ALA A 109 -21.09 13.35 8.13
C ALA A 109 -20.25 12.09 8.20
N ILE A 110 -19.25 11.96 7.33
CA ILE A 110 -18.35 10.80 7.38
C ILE A 110 -17.45 10.90 8.60
N VAL A 111 -16.84 12.07 8.79
CA VAL A 111 -16.01 12.31 9.98
C VAL A 111 -16.83 12.09 11.25
N GLY A 112 -18.08 12.56 11.25
CA GLY A 112 -18.91 12.39 12.43
C GLY A 112 -19.16 10.94 12.77
N GLY A 113 -19.50 10.13 11.75
CA GLY A 113 -19.63 8.70 11.99
C GLY A 113 -18.36 8.10 12.56
N ASP A 114 -17.20 8.55 12.06
CA ASP A 114 -15.93 8.07 12.59
C ASP A 114 -15.75 8.47 14.05
N GLY A 115 -16.05 9.72 14.39
CA GLY A 115 -15.98 10.14 15.78
C GLY A 115 -16.91 9.33 16.66
N LEU A 116 -18.10 9.00 16.15
CA LEU A 116 -19.01 8.15 16.89
C LEU A 116 -18.44 6.75 17.09
N PHE A 117 -17.83 6.18 16.05
CA PHE A 117 -17.21 4.87 16.20
C PHE A 117 -16.13 4.88 17.28
N PHE A 118 -15.19 5.83 17.21
CA PHE A 118 -14.08 5.82 18.15
C PHE A 118 -14.51 6.29 19.53
N HIS A 119 -15.56 7.10 19.63
CA HIS A 119 -16.13 7.39 20.94
C HIS A 119 -16.73 6.13 21.55
N GLY A 120 -17.32 5.27 20.71
CA GLY A 120 -17.74 3.97 21.19
C GLY A 120 -16.57 3.14 21.69
N PHE A 121 -15.51 3.04 20.88
CA PHE A 121 -14.34 2.26 21.28
C PHE A 121 -13.71 2.84 22.55
N ALA A 122 -13.69 4.16 22.69
CA ALA A 122 -13.17 4.77 23.90
C ALA A 122 -14.06 4.46 25.10
N ALA A 123 -15.38 4.44 24.89
CA ALA A 123 -16.29 4.16 25.99
C ALA A 123 -16.15 2.71 26.46
N LEU A 124 -15.99 1.77 25.52
CA LEU A 124 -15.78 0.37 25.90
C LEU A 124 -14.45 0.19 26.60
N SER A 125 -13.47 1.04 26.28
CA SER A 125 -12.17 0.98 26.97
C SER A 125 -12.29 1.40 28.42
N GLU A 126 -13.30 2.20 28.76
CA GLU A 126 -13.50 2.63 30.15
C GLU A 126 -14.01 1.53 31.05
N CYS A 127 -14.42 0.38 30.49
CA CYS A 127 -14.93 -0.71 31.30
C CYS A 127 -13.85 -1.31 32.19
N ARG A 128 -12.59 -1.22 31.76
CA ARG A 128 -11.49 -1.71 32.60
C ARG A 128 -11.43 -0.94 33.91
N GLU A 129 -11.41 0.40 33.81
CA GLU A 129 -11.46 1.25 34.99
C GLU A 129 -12.78 1.11 35.73
N ALA A 130 -13.83 0.66 35.05
CA ALA A 130 -15.12 0.44 35.71
C ALA A 130 -15.12 -0.80 36.60
N GLY A 131 -14.17 -1.72 36.39
CA GLY A 131 -14.06 -2.87 37.26
C GLY A 131 -13.99 -4.19 36.51
N ALA A 132 -14.24 -4.15 35.20
CA ALA A 132 -14.19 -5.37 34.41
C ALA A 132 -12.75 -5.86 34.28
N PRO A 133 -12.51 -7.17 34.41
CA PRO A 133 -11.16 -7.70 34.19
C PRO A 133 -10.76 -7.53 32.73
N ALA A 134 -9.47 -7.22 32.53
CA ALA A 134 -8.97 -6.95 31.18
C ALA A 134 -9.24 -8.10 30.23
N GLU A 135 -9.31 -9.32 30.75
CA GLU A 135 -9.66 -10.48 29.91
C GLU A 135 -11.08 -10.33 29.36
N ARG A 136 -12.00 -9.80 30.17
CA ARG A 136 -13.37 -9.63 29.72
C ARG A 136 -13.53 -8.42 28.81
N VAL A 137 -12.79 -7.35 29.10
CA VAL A 137 -12.87 -6.15 28.27
C VAL A 137 -12.48 -6.46 26.84
N ALA A 138 -11.42 -7.26 26.67
CA ALA A 138 -10.96 -7.64 25.34
C ALA A 138 -11.96 -8.54 24.64
N GLN A 139 -12.58 -9.48 25.37
CA GLN A 139 -13.63 -10.30 24.78
C GLN A 139 -14.84 -9.47 24.36
N ALA A 140 -15.14 -8.41 25.10
CA ALA A 140 -16.23 -7.51 24.71
C ALA A 140 -15.93 -6.85 23.37
N PHE A 141 -14.67 -6.41 23.17
CA PHE A 141 -14.30 -5.82 21.90
C PHE A 141 -14.43 -6.81 20.75
N THR A 142 -14.12 -8.08 21.00
CA THR A 142 -14.25 -9.10 19.96
C THR A 142 -15.71 -9.31 19.58
N VAL A 143 -16.58 -9.49 20.58
CA VAL A 143 -18.01 -9.67 20.31
C VAL A 143 -18.59 -8.46 19.59
N LEU A 144 -18.23 -7.25 20.04
CA LEU A 144 -18.75 -6.04 19.41
C LEU A 144 -18.30 -5.91 17.96
N SER A 145 -17.03 -6.24 17.69
CA SER A 145 -16.49 -6.04 16.34
C SER A 145 -17.13 -6.99 15.34
N ARG A 146 -17.30 -8.26 15.71
CA ARG A 146 -17.90 -9.22 14.80
C ARG A 146 -19.35 -8.87 14.49
N ALA A 147 -20.09 -8.40 15.50
CA ALA A 147 -21.44 -7.92 15.26
C ALA A 147 -21.44 -6.72 14.33
N GLY A 148 -20.48 -5.81 14.52
CA GLY A 148 -20.36 -4.66 13.62
C GLY A 148 -20.09 -5.05 12.19
N LEU A 149 -19.45 -6.20 11.98
CA LEU A 149 -19.22 -6.68 10.62
C LEU A 149 -20.47 -7.27 9.98
N ARG A 150 -21.36 -7.88 10.78
CA ARG A 150 -22.58 -8.43 10.20
C ARG A 150 -23.57 -7.32 9.81
N ILE A 151 -23.68 -6.27 10.62
CA ILE A 151 -24.61 -5.18 10.31
C ILE A 151 -24.16 -4.42 9.07
N GLY A 152 -22.84 -4.24 8.94
CA GLY A 152 -22.33 -3.54 7.77
C GLY A 152 -22.50 -4.37 6.51
N SER A 153 -22.27 -5.68 6.62
CA SER A 153 -22.46 -6.56 5.48
C SER A 153 -23.92 -6.58 5.04
N ALA A 154 -24.86 -6.55 6.00
CA ALA A 154 -26.28 -6.55 5.67
C ALA A 154 -26.67 -5.26 4.96
N ALA A 155 -26.16 -4.12 5.43
CA ALA A 155 -26.46 -2.84 4.79
C ALA A 155 -26.04 -2.84 3.33
N LEU A 156 -24.86 -3.38 3.03
CA LEU A 156 -24.44 -3.52 1.64
C LEU A 156 -25.31 -4.53 0.89
N ARG A 157 -25.74 -5.59 1.57
CA ARG A 157 -26.58 -6.59 0.92
C ARG A 157 -28.00 -6.06 0.70
N GLU A 158 -28.52 -5.27 1.65
CA GLU A 158 -29.78 -4.59 1.43
C GLU A 158 -29.76 -3.80 0.13
N ILE A 159 -28.63 -3.16 -0.17
CA ILE A 159 -28.51 -2.38 -1.41
C ILE A 159 -28.38 -3.31 -2.62
N ARG A 160 -27.68 -4.44 -2.45
CA ARG A 160 -27.43 -5.34 -3.56
C ARG A 160 -28.54 -6.36 -3.79
N MET A 161 -29.09 -6.91 -2.71
CA MET A 161 -30.08 -7.97 -2.85
C MET A 161 -31.44 -7.45 -3.31
N SER A 162 -31.69 -6.15 -3.17
CA SER A 162 -32.95 -5.57 -3.58
C SER A 162 -33.19 -5.74 -5.07
N ARG A 163 -34.46 -5.59 -5.46
CA ARG A 163 -34.88 -5.65 -6.87
C ARG A 163 -34.53 -6.99 -7.52
N GLU A 164 -34.56 -8.07 -6.75
CA GLU A 164 -34.32 -9.41 -7.31
C GLU A 164 -34.87 -10.44 -6.34
N ILE A 165 -35.48 -11.50 -6.88
CA ILE A 165 -35.94 -12.63 -6.06
C ILE A 165 -34.74 -13.36 -5.49
N CYS A 166 -34.75 -13.56 -4.18
CA CYS A 166 -33.76 -14.34 -3.46
C CYS A 166 -34.45 -15.48 -2.74
N SER A 167 -33.67 -16.45 -2.27
CA SER A 167 -34.24 -17.53 -1.48
C SER A 167 -34.78 -16.99 -0.16
N VAL A 168 -35.83 -17.64 0.35
CA VAL A 168 -36.38 -17.26 1.64
C VAL A 168 -35.30 -17.27 2.72
N GLN A 169 -34.45 -18.30 2.70
CA GLN A 169 -33.35 -18.36 3.65
C GLN A 169 -32.37 -17.22 3.44
N ASP A 170 -32.11 -16.83 2.19
CA ASP A 170 -31.21 -15.71 1.92
C ASP A 170 -31.73 -14.44 2.56
N TYR A 171 -33.05 -14.22 2.51
CA TYR A 171 -33.62 -13.07 3.21
C TYR A 171 -33.47 -13.24 4.72
N LEU A 172 -33.67 -14.46 5.22
CA LEU A 172 -33.60 -14.72 6.66
C LEU A 172 -32.19 -14.47 7.19
N ASP A 173 -31.17 -14.87 6.43
CA ASP A 173 -29.79 -14.63 6.87
C ASP A 173 -29.46 -13.15 6.87
N MET A 174 -29.93 -12.41 5.86
CA MET A 174 -29.61 -10.99 5.81
C MET A 174 -30.27 -10.25 6.97
N ILE A 175 -31.53 -10.55 7.25
CA ILE A 175 -32.23 -9.85 8.31
C ILE A 175 -31.74 -10.28 9.67
N ALA A 176 -31.16 -11.49 9.77
CA ALA A 176 -30.48 -11.89 11.00
C ALA A 176 -29.22 -11.06 11.22
N ASP A 177 -28.54 -10.68 10.14
CA ASP A 177 -27.37 -9.80 10.28
C ASP A 177 -27.77 -8.34 10.44
N LYS A 178 -28.87 -7.92 9.82
CA LYS A 178 -29.28 -6.52 9.97
C LYS A 178 -29.94 -6.27 11.32
N SER A 179 -30.79 -7.18 11.77
CA SER A 179 -31.53 -6.98 13.01
C SER A 179 -31.05 -7.84 14.16
N GLY A 180 -30.74 -9.11 13.92
CA GLY A 180 -30.26 -9.97 15.00
C GLY A 180 -28.90 -9.54 15.52
N ALA A 181 -28.03 -9.07 14.64
CA ALA A 181 -26.71 -8.60 15.06
C ALA A 181 -26.80 -7.32 15.90
N LEU A 182 -27.76 -6.43 15.60
CA LEU A 182 -27.99 -5.27 16.48
C LEU A 182 -28.24 -5.71 17.91
N LEU A 183 -29.06 -6.75 18.11
CA LEU A 183 -29.31 -7.24 19.46
C LEU A 183 -28.15 -8.07 19.99
N TRP A 184 -27.54 -8.90 19.14
CA TRP A 184 -26.38 -9.67 19.59
C TRP A 184 -25.23 -8.74 19.96
N MET A 185 -25.09 -7.60 19.27
CA MET A 185 -24.11 -6.61 19.68
C MET A 185 -24.39 -6.13 21.09
N ALA A 186 -25.67 -5.99 21.44
CA ALA A 186 -26.06 -5.61 22.80
C ALA A 186 -25.96 -6.79 23.76
N CYS A 187 -26.61 -7.90 23.42
CA CYS A 187 -26.67 -9.05 24.33
C CYS A 187 -25.31 -9.70 24.52
N GLY A 188 -24.54 -9.83 23.43
CA GLY A 188 -23.25 -10.51 23.53
C GLY A 188 -22.26 -9.73 24.38
N VAL A 189 -22.11 -8.44 24.12
CA VAL A 189 -21.17 -7.63 24.88
C VAL A 189 -21.65 -7.46 26.32
N GLY A 190 -22.96 -7.24 26.51
CA GLY A 190 -23.49 -7.10 27.86
C GLY A 190 -23.30 -8.35 28.69
N GLY A 191 -23.63 -9.52 28.13
CA GLY A 191 -23.42 -10.77 28.84
C GLY A 191 -21.96 -11.04 29.11
N THR A 192 -21.09 -10.70 28.17
CA THR A 192 -19.65 -10.93 28.35
C THR A 192 -19.12 -10.18 29.55
N LEU A 193 -19.39 -8.86 29.62
CA LEU A 193 -18.96 -8.09 30.78
C LEU A 193 -19.68 -8.53 32.05
N GLY A 194 -20.92 -9.00 31.92
CA GLY A 194 -21.64 -9.49 33.08
C GLY A 194 -21.11 -10.79 33.63
N GLY A 195 -20.19 -11.46 32.93
CA GLY A 195 -19.64 -12.71 33.39
C GLY A 195 -20.45 -13.93 33.04
N ALA A 196 -21.23 -13.88 31.96
CA ALA A 196 -22.03 -15.03 31.57
C ALA A 196 -21.13 -16.18 31.12
N ASP A 197 -21.47 -17.39 31.52
CA ASP A 197 -20.73 -18.56 31.08
C ASP A 197 -21.00 -18.84 29.61
N GLU A 198 -20.35 -19.86 29.07
CA GLU A 198 -20.43 -20.14 27.64
C GLU A 198 -21.84 -20.51 27.23
N ALA A 199 -22.57 -21.24 28.08
CA ALA A 199 -23.93 -21.65 27.74
C ALA A 199 -24.89 -20.47 27.75
N ALA A 200 -24.68 -19.51 28.67
CA ALA A 200 -25.55 -18.33 28.70
C ALA A 200 -25.35 -17.44 27.48
N LEU A 201 -24.11 -17.31 27.02
CA LEU A 201 -23.85 -16.46 25.86
C LEU A 201 -24.50 -17.03 24.60
N LYS A 202 -24.50 -18.34 24.44
CA LYS A 202 -25.17 -18.94 23.29
C LYS A 202 -26.68 -18.73 23.37
N ALA A 203 -27.25 -18.77 24.58
CA ALA A 203 -28.67 -18.52 24.74
C ALA A 203 -29.01 -17.08 24.35
N LEU A 204 -28.21 -16.12 24.83
CA LEU A 204 -28.42 -14.72 24.43
C LEU A 204 -28.22 -14.55 22.93
N SER A 205 -27.33 -15.34 22.34
CA SER A 205 -27.16 -15.30 20.88
C SER A 205 -28.41 -15.78 20.18
N GLN A 206 -28.96 -16.91 20.64
CA GLN A 206 -30.19 -17.44 20.07
C GLN A 206 -31.34 -16.46 20.27
N TYR A 207 -31.44 -15.86 21.46
CA TYR A 207 -32.47 -14.84 21.71
C TYR A 207 -32.30 -13.65 20.79
N SER A 208 -31.05 -13.21 20.58
CA SER A 208 -30.81 -12.06 19.73
C SER A 208 -31.19 -12.35 18.28
N ASP A 209 -30.79 -13.52 17.77
CA ASP A 209 -31.08 -13.83 16.38
C ASP A 209 -32.58 -14.00 16.16
N GLN A 210 -33.25 -14.76 17.02
CA GLN A 210 -34.67 -15.03 16.84
C GLN A 210 -35.50 -13.77 16.99
N LEU A 211 -35.17 -12.91 17.97
CA LEU A 211 -35.90 -11.66 18.11
C LEU A 211 -35.57 -10.68 17.00
N GLY A 212 -34.33 -10.69 16.51
CA GLY A 212 -33.98 -9.82 15.39
C GLY A 212 -34.76 -10.16 14.13
N ILE A 213 -34.90 -11.45 13.84
CA ILE A 213 -35.70 -11.89 12.69
C ILE A 213 -37.14 -11.42 12.85
N ALA A 214 -37.72 -11.63 14.03
CA ALA A 214 -39.12 -11.26 14.25
C ALA A 214 -39.33 -9.76 14.06
N TYR A 215 -38.47 -8.95 14.66
CA TYR A 215 -38.60 -7.49 14.52
C TYR A 215 -38.60 -7.06 13.07
N GLN A 216 -37.72 -7.67 12.26
CA GLN A 216 -37.64 -7.30 10.85
C GLN A 216 -38.93 -7.63 10.11
N ILE A 217 -39.49 -8.81 10.38
CA ILE A 217 -40.75 -9.22 9.76
C ILE A 217 -41.86 -8.23 10.11
N ARG A 218 -41.95 -7.86 11.38
CA ARG A 218 -42.92 -6.86 11.81
C ARG A 218 -42.74 -5.57 11.02
N ALA A 219 -41.49 -5.18 10.76
CA ALA A 219 -41.22 -4.00 9.94
C ALA A 219 -41.65 -4.22 8.49
N ASP A 220 -41.39 -5.41 7.95
CA ASP A 220 -41.84 -5.73 6.61
C ASP A 220 -43.35 -5.65 6.47
N LEU A 221 -44.08 -5.81 7.57
CA LEU A 221 -45.54 -5.86 7.56
C LEU A 221 -46.19 -4.48 7.55
N MET A 222 -45.46 -3.40 7.89
CA MET A 222 -46.12 -2.10 8.04
C MET A 222 -46.68 -1.58 6.72
N ALA A 223 -45.99 -1.81 5.61
CA ALA A 223 -46.52 -1.45 4.31
C ALA A 223 -47.68 -2.34 3.89
N TYR A 224 -47.92 -3.41 4.64
CA TYR A 224 -48.90 -4.44 4.30
C TYR A 224 -50.05 -4.46 5.30
N ASP A 225 -50.38 -3.30 5.87
CA ASP A 225 -51.49 -3.15 6.80
C ASP A 225 -52.65 -2.41 6.14
N ASN A 239 -40.57 2.02 -0.27
CA ASN A 239 -39.18 1.82 -0.66
C ASN A 239 -39.09 0.90 -1.88
N GLY A 240 -40.20 0.23 -2.18
CA GLY A 240 -40.24 -0.66 -3.33
C GLY A 240 -39.27 -1.82 -3.27
N ARG A 241 -38.91 -2.28 -2.06
CA ARG A 241 -37.96 -3.37 -1.92
C ARG A 241 -38.68 -4.67 -1.55
N PRO A 242 -38.14 -5.82 -1.96
CA PRO A 242 -38.80 -7.08 -1.61
C PRO A 242 -38.67 -7.37 -0.12
N THR A 243 -39.74 -7.93 0.43
CA THR A 243 -39.82 -8.31 1.83
C THR A 243 -40.32 -9.74 1.95
N LEU A 244 -40.31 -10.25 3.18
CA LEU A 244 -40.75 -11.64 3.39
C LEU A 244 -42.18 -11.90 2.93
N PRO A 245 -43.16 -11.02 3.16
CA PRO A 245 -44.49 -11.26 2.59
C PRO A 245 -44.44 -11.43 1.08
N VAL A 246 -43.54 -10.73 0.39
CA VAL A 246 -43.38 -10.92 -1.05
C VAL A 246 -42.82 -12.30 -1.35
N LEU A 247 -41.81 -12.75 -0.59
CA LEU A 247 -41.21 -14.05 -0.84
C LEU A 247 -42.18 -15.19 -0.54
N LEU A 248 -42.93 -15.08 0.55
CA LEU A 248 -43.89 -16.12 0.88
C LEU A 248 -45.00 -16.19 -0.16
N ALA A 249 -45.45 -15.04 -0.65
CA ALA A 249 -46.45 -15.03 -1.72
C ALA A 249 -45.89 -15.66 -2.99
N HIS A 250 -44.63 -15.37 -3.32
CA HIS A 250 -44.01 -15.97 -4.50
C HIS A 250 -43.95 -17.49 -4.36
N GLU A 251 -43.57 -17.98 -3.19
CA GLU A 251 -43.50 -19.42 -2.97
C GLU A 251 -44.87 -20.08 -3.15
N ARG A 252 -45.93 -19.38 -2.74
CA ARG A 252 -47.28 -19.92 -2.87
C ARG A 252 -47.90 -19.67 -4.23
N ALA A 253 -47.44 -18.65 -4.96
CA ALA A 253 -48.06 -18.31 -6.22
C ALA A 253 -47.78 -19.38 -7.28
N PRO A 254 -48.72 -19.60 -8.20
CA PRO A 254 -48.46 -20.49 -9.34
C PRO A 254 -47.35 -19.95 -10.23
N ARG A 255 -46.89 -20.82 -11.13
CA ARG A 255 -45.74 -20.51 -11.97
C ARG A 255 -45.94 -19.21 -12.75
N GLU A 256 -47.14 -19.00 -13.28
CA GLU A 256 -47.41 -17.79 -14.06
C GLU A 256 -47.22 -16.53 -13.23
N GLN A 257 -47.72 -16.53 -12.00
CA GLN A 257 -47.55 -15.36 -11.14
C GLN A 257 -46.11 -15.21 -10.66
N GLN A 258 -45.42 -16.32 -10.37
CA GLN A 258 -44.01 -16.25 -10.02
C GLN A 258 -43.20 -15.56 -11.11
N LEU A 259 -43.47 -15.89 -12.38
CA LEU A 259 -42.83 -15.21 -13.48
C LEU A 259 -42.98 -13.70 -13.35
N ARG A 260 -44.21 -13.24 -13.08
CA ARG A 260 -44.46 -11.81 -12.93
C ARG A 260 -43.65 -11.23 -11.78
N ILE A 261 -43.72 -11.87 -10.61
CA ILE A 261 -43.03 -11.35 -9.41
C ILE A 261 -41.55 -11.12 -9.68
N GLU A 262 -40.91 -12.03 -10.41
CA GLU A 262 -39.47 -11.92 -10.65
C GLU A 262 -39.13 -10.76 -11.57
N ARG A 263 -39.84 -10.63 -12.69
CA ARG A 263 -39.57 -9.51 -13.59
C ARG A 263 -39.94 -8.16 -12.97
N LEU A 264 -40.97 -8.11 -12.11
CA LEU A 264 -41.26 -6.86 -11.41
C LEU A 264 -40.07 -6.43 -10.56
N LEU A 265 -39.45 -7.37 -9.86
CA LEU A 265 -38.25 -7.09 -9.09
C LEU A 265 -37.03 -6.89 -9.98
N ALA A 266 -36.87 -7.74 -11.00
CA ALA A 266 -35.63 -7.82 -11.76
C ALA A 266 -35.19 -6.46 -12.34
N ASP A 267 -36.10 -5.73 -12.97
CA ASP A 267 -35.75 -4.53 -13.71
C ASP A 267 -36.01 -3.30 -12.85
N THR A 268 -34.95 -2.51 -12.63
CA THR A 268 -35.00 -1.27 -11.87
C THR A 268 -35.48 -0.09 -12.71
N ALA A 269 -36.31 -0.32 -13.73
CA ALA A 269 -36.80 0.75 -14.61
C ALA A 269 -38.32 0.59 -14.75
N ALA A 270 -39.05 1.08 -13.75
CA ALA A 270 -40.50 1.08 -13.74
C ALA A 270 -40.96 2.08 -12.69
N PRO A 271 -42.13 2.69 -12.85
CA PRO A 271 -42.57 3.68 -11.85
C PRO A 271 -42.84 3.04 -10.50
N ALA A 272 -42.50 3.78 -9.44
CA ALA A 272 -42.61 3.24 -8.08
C ALA A 272 -44.03 2.87 -7.71
N ALA A 273 -45.00 3.73 -8.02
CA ALA A 273 -46.38 3.47 -7.64
C ALA A 273 -46.89 2.17 -8.25
N GLU A 274 -46.82 2.05 -9.57
CA GLU A 274 -47.34 0.86 -10.23
C GLU A 274 -46.59 -0.40 -9.82
N ARG A 275 -45.31 -0.27 -9.47
CA ARG A 275 -44.56 -1.38 -8.90
C ARG A 275 -45.15 -1.82 -7.56
N TYR A 276 -45.41 -0.86 -6.67
CA TYR A 276 -45.87 -1.20 -5.33
C TYR A 276 -47.21 -1.92 -5.36
N LYS A 277 -48.19 -1.33 -6.06
CA LYS A 277 -49.53 -1.89 -6.12
C LYS A 277 -49.53 -3.28 -6.72
N ALA A 278 -48.65 -3.54 -7.68
CA ALA A 278 -48.56 -4.89 -8.24
C ALA A 278 -48.08 -5.88 -7.19
N MET A 279 -47.11 -5.47 -6.36
CA MET A 279 -46.64 -6.35 -5.29
C MET A 279 -47.69 -6.51 -4.20
N ALA A 280 -48.39 -5.42 -3.85
CA ALA A 280 -49.36 -5.50 -2.76
C ALA A 280 -50.54 -6.38 -3.14
N ASP A 281 -50.95 -6.37 -4.41
CA ASP A 281 -52.05 -7.21 -4.84
C ASP A 281 -51.68 -8.68 -4.78
N LEU A 282 -50.45 -9.02 -5.19
CA LEU A 282 -50.05 -10.43 -5.19
C LEU A 282 -49.84 -10.95 -3.78
N VAL A 283 -49.34 -10.12 -2.87
CA VAL A 283 -49.19 -10.53 -1.48
C VAL A 283 -50.55 -10.80 -0.86
N GLY A 284 -51.52 -9.92 -1.12
CA GLY A 284 -52.86 -10.15 -0.61
C GLY A 284 -53.54 -11.36 -1.20
N ALA A 285 -53.22 -11.68 -2.46
CA ALA A 285 -53.84 -12.82 -3.12
C ALA A 285 -53.39 -14.15 -2.52
N TYR A 286 -52.20 -14.20 -1.90
CA TYR A 286 -51.65 -15.45 -1.38
C TYR A 286 -51.35 -15.35 0.11
N ASP A 287 -51.96 -14.39 0.81
CA ASP A 287 -51.90 -14.30 2.26
C ASP A 287 -50.46 -14.17 2.75
N GLY A 288 -49.64 -13.43 1.99
CA GLY A 288 -48.25 -13.24 2.37
C GLY A 288 -48.09 -12.52 3.68
N ALA A 289 -49.01 -11.59 3.99
CA ALA A 289 -48.92 -10.86 5.24
C ALA A 289 -49.13 -11.79 6.43
N GLN A 290 -50.24 -12.53 6.44
CA GLN A 290 -50.52 -13.46 7.54
C GLN A 290 -49.44 -14.52 7.65
N ALA A 291 -48.99 -15.07 6.52
CA ALA A 291 -47.91 -16.05 6.54
C ALA A 291 -46.66 -15.47 7.18
N ALA A 292 -46.37 -14.19 6.90
CA ALA A 292 -45.24 -13.53 7.55
C ALA A 292 -45.46 -13.38 9.04
N ARG A 293 -46.70 -13.17 9.46
CA ARG A 293 -47.00 -13.08 10.89
C ARG A 293 -46.72 -14.40 11.60
N GLU A 294 -47.15 -15.51 11.00
CA GLU A 294 -46.94 -16.82 11.61
C GLU A 294 -45.47 -17.18 11.67
N VAL A 295 -44.69 -16.79 10.66
CA VAL A 295 -43.25 -16.96 10.71
C VAL A 295 -42.67 -16.16 11.86
N SER A 296 -43.05 -14.88 11.95
CA SER A 296 -42.59 -14.03 13.04
C SER A 296 -42.97 -14.62 14.40
N HIS A 297 -44.20 -15.14 14.50
CA HIS A 297 -44.66 -15.70 15.77
C HIS A 297 -43.80 -16.89 16.20
N ARG A 298 -43.43 -17.76 15.25
CA ARG A 298 -42.59 -18.90 15.58
C ARG A 298 -41.23 -18.46 16.11
N HIS A 299 -40.64 -17.43 15.51
CA HIS A 299 -39.33 -16.97 15.95
C HIS A 299 -39.41 -16.22 17.28
N VAL A 300 -40.57 -15.62 17.60
CA VAL A 300 -40.74 -15.00 18.91
C VAL A 300 -40.73 -16.06 20.00
N GLN A 301 -41.43 -17.18 19.78
CA GLN A 301 -41.45 -18.27 20.75
C GLN A 301 -40.07 -18.92 20.88
N LEU A 302 -39.31 -18.98 19.79
CA LEU A 302 -37.93 -19.47 19.89
C LEU A 302 -37.06 -18.52 20.69
N ALA A 303 -37.32 -17.21 20.61
CA ALA A 303 -36.57 -16.25 21.41
C ALA A 303 -36.88 -16.42 22.89
N THR A 304 -38.15 -16.58 23.24
CA THR A 304 -38.52 -16.80 24.64
C THR A 304 -38.02 -18.15 25.14
N ARG A 305 -37.95 -19.15 24.26
CA ARG A 305 -37.39 -20.45 24.65
C ARG A 305 -35.93 -20.30 25.05
N ALA A 306 -35.14 -19.56 24.28
CA ALA A 306 -33.74 -19.36 24.59
C ALA A 306 -33.55 -18.66 25.93
N LEU A 307 -34.50 -17.80 26.29
CA LEU A 307 -34.39 -17.03 27.54
C LEU A 307 -34.41 -17.93 28.76
N GLN A 308 -35.07 -19.09 28.67
CA GLN A 308 -35.23 -19.96 29.84
C GLN A 308 -33.90 -20.51 30.33
N THR A 309 -32.85 -20.49 29.51
CA THR A 309 -31.53 -20.88 29.99
C THR A 309 -31.00 -19.89 31.02
N LEU A 310 -31.34 -18.61 30.87
CA LEU A 310 -30.93 -17.60 31.84
C LEU A 310 -31.65 -17.81 33.16
N PRO A 311 -31.06 -17.38 34.28
CA PRO A 311 -31.72 -17.58 35.57
C PRO A 311 -32.88 -16.62 35.73
N PRO A 312 -33.90 -17.00 36.50
CA PRO A 312 -35.06 -16.12 36.67
C PRO A 312 -34.68 -14.85 37.40
N SER A 313 -35.13 -13.71 36.90
CA SER A 313 -34.81 -12.41 37.43
C SER A 313 -35.73 -11.37 36.79
N PRO A 314 -35.90 -10.21 37.41
CA PRO A 314 -36.62 -9.12 36.72
C PRO A 314 -35.97 -8.73 35.41
N HIS A 315 -34.65 -8.94 35.28
CA HIS A 315 -33.96 -8.63 34.03
C HIS A 315 -34.33 -9.63 32.94
N ARG A 316 -34.41 -10.92 33.28
CA ARG A 316 -34.86 -11.90 32.30
C ARG A 316 -36.31 -11.65 31.90
N ASP A 317 -37.13 -11.20 32.85
CA ASP A 317 -38.50 -10.82 32.53
C ASP A 317 -38.52 -9.64 31.58
N ALA A 318 -37.57 -8.71 31.73
CA ALA A 318 -37.52 -7.54 30.87
C ALA A 318 -37.22 -7.91 29.42
N LEU A 319 -36.30 -8.86 29.21
CA LEU A 319 -35.98 -9.28 27.85
C LEU A 319 -37.16 -9.96 27.18
N GLU A 320 -37.91 -10.77 27.95
CA GLU A 320 -39.08 -11.42 27.39
C GLU A 320 -40.18 -10.41 27.07
N ASP A 321 -40.32 -9.37 27.91
CA ASP A 321 -41.26 -8.30 27.60
C ASP A 321 -40.89 -7.59 26.30
N LEU A 322 -39.60 -7.62 25.93
CA LEU A 322 -39.19 -7.00 24.68
C LEU A 322 -39.71 -7.75 23.47
N THR A 323 -40.04 -9.03 23.62
CA THR A 323 -40.64 -9.81 22.54
C THR A 323 -42.10 -9.46 22.31
N VAL A 324 -42.73 -8.76 23.24
CA VAL A 324 -44.15 -8.38 23.09
C VAL A 324 -44.28 -7.39 21.95
N PRO A 325 -45.26 -7.54 21.06
CA PRO A 325 -45.40 -6.60 19.95
C PRO A 325 -45.54 -5.16 20.42
N GLY A 326 -44.86 -4.25 19.71
CA GLY A 326 -44.89 -2.85 20.04
C GLY A 326 -43.94 -2.40 21.11
N ARG A 327 -43.34 -3.33 21.86
CA ARG A 327 -42.43 -2.94 22.94
C ARG A 327 -41.04 -2.60 22.39
N LEU A 328 -40.52 -3.43 21.49
CA LEU A 328 -39.22 -3.19 20.89
C LEU A 328 -39.34 -2.19 19.74
N VAL A 329 -38.50 -1.16 19.78
CA VAL A 329 -38.38 -0.20 18.68
C VAL A 329 -36.90 0.07 18.44
N LEU A 330 -36.48 0.01 17.18
CA LEU A 330 -35.09 0.26 16.83
C LEU A 330 -34.97 1.54 16.00
N GLN B 8 56.32 -8.34 -14.37
CA GLN B 8 56.19 -9.52 -13.50
C GLN B 8 54.74 -9.97 -13.37
N VAL B 9 53.81 -9.16 -13.86
CA VAL B 9 52.41 -9.56 -13.93
C VAL B 9 51.99 -9.62 -15.39
N ALA B 10 50.86 -10.26 -15.64
CA ALA B 10 50.47 -10.60 -17.00
C ALA B 10 49.77 -9.45 -17.69
N ASP B 11 49.60 -9.62 -19.00
CA ASP B 11 48.83 -8.71 -19.85
C ASP B 11 47.84 -9.58 -20.63
N PRO B 12 46.60 -9.71 -20.17
CA PRO B 12 45.64 -10.56 -20.87
C PRO B 12 44.94 -9.79 -21.99
N GLU B 13 44.20 -10.55 -22.79
CA GLU B 13 43.39 -9.98 -23.86
C GLU B 13 41.95 -9.92 -23.33
N VAL B 14 41.65 -8.82 -22.63
CA VAL B 14 40.40 -8.74 -21.88
C VAL B 14 39.20 -8.57 -22.82
N ALA B 15 39.34 -7.72 -23.83
CA ALA B 15 38.18 -7.34 -24.66
C ALA B 15 37.55 -8.55 -25.31
N ALA B 16 38.36 -9.44 -25.89
CA ALA B 16 37.83 -10.60 -26.59
C ALA B 16 37.25 -11.63 -25.62
N MET B 17 37.82 -11.75 -24.42
CA MET B 17 37.31 -12.70 -23.44
C MET B 17 35.89 -12.35 -23.02
N VAL B 18 35.59 -11.05 -22.93
CA VAL B 18 34.23 -10.63 -22.57
C VAL B 18 33.24 -11.10 -23.63
N ARG B 19 33.49 -10.75 -24.89
CA ARG B 19 32.56 -11.10 -25.96
C ARG B 19 32.29 -12.60 -26.01
N ALA B 20 33.33 -13.42 -25.81
CA ALA B 20 33.14 -14.86 -25.80
C ALA B 20 32.28 -15.29 -24.61
N GLU B 21 32.43 -14.61 -23.47
CA GLU B 21 31.68 -15.00 -22.28
C GLU B 21 30.20 -14.65 -22.42
N VAL B 22 29.90 -13.43 -22.90
CA VAL B 22 28.51 -13.02 -23.04
C VAL B 22 27.80 -13.87 -24.10
N GLU B 23 28.49 -14.18 -25.20
CA GLU B 23 27.90 -15.04 -26.21
C GLU B 23 27.56 -16.41 -25.65
N GLY B 24 28.40 -16.92 -24.74
CA GLY B 24 28.10 -18.20 -24.13
C GLY B 24 26.80 -18.19 -23.34
N ARG B 25 26.52 -17.09 -22.65
CA ARG B 25 25.33 -17.05 -21.80
C ARG B 25 24.05 -16.77 -22.60
N TRP B 26 24.13 -15.98 -23.67
CA TRP B 26 22.97 -15.67 -24.51
C TRP B 26 23.36 -15.84 -25.97
N PRO B 27 23.43 -17.08 -26.44
CA PRO B 27 23.87 -17.35 -27.81
C PRO B 27 22.77 -17.03 -28.83
N LEU B 28 23.16 -17.10 -30.10
CA LEU B 28 22.21 -16.97 -31.19
C LEU B 28 21.15 -18.06 -31.12
N GLY B 29 19.89 -17.66 -31.19
CA GLY B 29 18.79 -18.60 -31.17
C GLY B 29 18.02 -18.65 -29.87
N VAL B 30 18.42 -17.88 -28.85
CA VAL B 30 17.67 -17.87 -27.60
C VAL B 30 16.28 -17.30 -27.85
N SER B 31 15.32 -17.76 -27.06
CA SER B 31 13.94 -17.33 -27.16
C SER B 31 13.48 -16.83 -25.79
N GLY B 32 12.20 -16.47 -25.70
CA GLY B 32 11.67 -16.03 -24.43
C GLY B 32 12.32 -14.75 -23.96
N LEU B 33 12.60 -14.69 -22.66
CA LEU B 33 13.19 -13.48 -22.08
C LEU B 33 14.61 -13.25 -22.57
N ASP B 34 15.37 -14.34 -22.77
CA ASP B 34 16.75 -14.20 -23.23
C ASP B 34 16.83 -13.68 -24.66
N GLU B 35 15.76 -13.84 -25.44
CA GLU B 35 15.74 -13.32 -26.80
C GLU B 35 15.83 -11.79 -26.79
N VAL B 36 15.01 -11.15 -25.95
CA VAL B 36 15.05 -9.70 -25.84
C VAL B 36 16.32 -9.26 -25.14
N VAL B 37 16.82 -10.05 -24.18
CA VAL B 37 18.10 -9.77 -23.54
C VAL B 37 19.20 -9.67 -24.59
N ARG B 38 19.27 -10.68 -25.47
CA ARG B 38 20.31 -10.70 -26.49
C ARG B 38 20.23 -9.49 -27.41
N TYR B 39 19.01 -9.03 -27.71
CA TYR B 39 18.84 -7.89 -28.60
C TYR B 39 19.55 -6.65 -28.06
N GLY B 40 19.41 -6.40 -26.75
CA GLY B 40 20.10 -5.25 -26.17
C GLY B 40 21.60 -5.38 -26.14
N LEU B 41 22.10 -6.61 -26.02
CA LEU B 41 23.54 -6.82 -25.93
C LEU B 41 24.22 -6.69 -27.28
N VAL B 42 23.58 -7.17 -28.34
CA VAL B 42 24.22 -7.20 -29.65
C VAL B 42 23.83 -5.94 -30.42
N PRO B 43 24.73 -5.37 -31.25
CA PRO B 43 26.13 -5.75 -31.47
C PRO B 43 27.00 -5.52 -30.23
N PHE B 44 28.03 -6.33 -30.02
CA PHE B 44 28.83 -6.23 -28.81
C PHE B 44 29.54 -4.89 -28.73
N GLY B 45 30.24 -4.51 -29.81
CA GLY B 45 30.96 -3.25 -29.79
C GLY B 45 32.29 -3.38 -29.05
N LYS B 46 32.70 -2.28 -28.42
CA LYS B 46 33.99 -2.24 -27.74
C LYS B 46 33.94 -2.90 -26.37
N MET B 47 32.80 -2.83 -25.68
CA MET B 47 32.61 -3.45 -24.37
C MET B 47 33.56 -2.84 -23.34
N MET B 48 33.64 -1.51 -23.34
CA MET B 48 34.59 -0.81 -22.49
C MET B 48 34.20 -0.85 -21.02
N GLY B 49 32.90 -0.92 -20.73
CA GLY B 49 32.43 -1.02 -19.37
C GLY B 49 32.98 -2.24 -18.67
N PRO B 50 32.64 -3.43 -19.18
CA PRO B 50 33.24 -4.66 -18.63
C PRO B 50 34.76 -4.67 -18.69
N TRP B 51 35.33 -4.10 -19.76
CA TRP B 51 36.79 -4.06 -19.88
C TRP B 51 37.41 -3.21 -18.77
N LEU B 52 36.76 -2.11 -18.40
CA LEU B 52 37.29 -1.27 -17.33
C LEU B 52 37.20 -1.96 -15.98
N LEU B 53 36.13 -2.74 -15.76
CA LEU B 53 35.97 -3.43 -14.48
C LEU B 53 37.06 -4.47 -14.27
N ILE B 54 37.33 -5.27 -15.30
CA ILE B 54 38.32 -6.34 -15.19
C ILE B 54 39.72 -5.75 -14.98
N ARG B 55 40.04 -4.67 -15.70
CA ARG B 55 41.33 -4.03 -15.52
C ARG B 55 41.49 -3.47 -14.11
N SER B 56 40.43 -2.85 -13.57
CA SER B 56 40.49 -2.32 -12.21
C SER B 56 40.69 -3.44 -11.20
N ALA B 57 40.02 -4.58 -11.42
CA ALA B 57 40.21 -5.71 -10.51
C ALA B 57 41.64 -6.24 -10.58
N LEU B 58 42.19 -6.35 -11.80
CA LEU B 58 43.56 -6.83 -11.94
C LEU B 58 44.57 -5.78 -11.50
N ALA B 59 44.20 -4.50 -11.58
CA ALA B 59 45.11 -3.43 -11.15
C ALA B 59 45.40 -3.52 -9.66
N VAL B 60 44.48 -4.07 -8.88
CA VAL B 60 44.64 -4.19 -7.44
C VAL B 60 44.95 -5.62 -7.02
N GLY B 61 45.21 -6.52 -7.98
CA GLY B 61 45.61 -7.87 -7.68
C GLY B 61 44.49 -8.90 -7.68
N GLY B 62 43.33 -8.58 -8.21
CA GLY B 62 42.22 -9.50 -8.20
C GLY B 62 42.37 -10.63 -9.21
N ASP B 63 41.36 -11.48 -9.26
CA ASP B 63 41.32 -12.62 -10.16
C ASP B 63 40.35 -12.36 -11.30
N ILE B 64 40.74 -12.80 -12.50
CA ILE B 64 39.84 -12.72 -13.65
C ILE B 64 38.58 -13.55 -13.42
N ALA B 65 38.75 -14.76 -12.85
CA ALA B 65 37.61 -15.64 -12.66
C ALA B 65 36.57 -15.03 -11.73
N THR B 66 36.99 -14.18 -10.80
CA THR B 66 36.04 -13.47 -9.96
C THR B 66 35.46 -12.25 -10.68
N ALA B 67 36.32 -11.50 -11.39
CA ALA B 67 35.89 -10.28 -12.05
C ALA B 67 35.04 -10.55 -13.30
N LEU B 68 35.17 -11.72 -13.91
CA LEU B 68 34.48 -11.99 -15.17
C LEU B 68 32.95 -11.96 -15.02
N PRO B 69 32.33 -12.69 -14.09
CA PRO B 69 30.86 -12.59 -13.97
C PRO B 69 30.38 -11.20 -13.59
N ALA B 70 31.20 -10.42 -12.89
CA ALA B 70 30.82 -9.04 -12.60
C ALA B 70 30.84 -8.17 -13.85
N ALA B 71 31.76 -8.45 -14.78
CA ALA B 71 31.76 -7.75 -16.06
C ALA B 71 30.47 -8.03 -16.81
N VAL B 72 29.99 -9.27 -16.75
CA VAL B 72 28.69 -9.60 -17.34
C VAL B 72 27.58 -8.86 -16.61
N ALA B 73 27.65 -8.83 -15.28
CA ALA B 73 26.68 -8.07 -14.49
C ALA B 73 26.61 -6.61 -14.93
N LEU B 74 27.78 -5.99 -15.08
CA LEU B 74 27.83 -4.58 -15.45
C LEU B 74 27.19 -4.34 -16.81
N GLU B 75 27.54 -5.17 -17.79
CA GLU B 75 26.96 -5.05 -19.12
C GLU B 75 25.44 -5.14 -19.09
N CYS B 76 24.91 -6.13 -18.36
CA CYS B 76 23.46 -6.32 -18.31
C CYS B 76 22.76 -5.15 -17.63
N VAL B 77 23.34 -4.62 -16.54
CA VAL B 77 22.71 -3.50 -15.84
C VAL B 77 22.73 -2.24 -16.70
N GLN B 78 23.86 -1.95 -17.34
CA GLN B 78 23.95 -0.72 -18.13
C GLN B 78 23.15 -0.82 -19.43
N VAL B 79 23.12 -1.99 -20.06
CA VAL B 79 22.31 -2.15 -21.26
C VAL B 79 20.83 -2.08 -20.91
N GLY B 80 20.45 -2.63 -19.75
CA GLY B 80 19.09 -2.48 -19.29
C GLY B 80 18.71 -1.03 -19.05
N ALA B 81 19.66 -0.22 -18.58
CA ALA B 81 19.39 1.19 -18.35
C ALA B 81 19.13 1.94 -19.66
N MET B 82 19.91 1.66 -20.70
CA MET B 82 19.66 2.29 -22.00
C MET B 82 18.36 1.81 -22.63
N MET B 83 18.00 0.54 -22.44
CA MET B 83 16.74 0.05 -22.99
C MET B 83 15.55 0.80 -22.40
N HIS B 84 15.62 1.15 -21.11
CA HIS B 84 14.57 1.95 -20.50
C HIS B 84 14.71 3.43 -20.83
N ASP B 85 15.94 3.93 -20.94
CA ASP B 85 16.16 5.33 -21.29
C ASP B 85 15.70 5.64 -22.71
N ASP B 86 15.85 4.69 -23.64
CA ASP B 86 15.41 4.91 -25.01
C ASP B 86 13.92 5.16 -25.10
N ILE B 87 13.13 4.52 -24.22
CA ILE B 87 11.68 4.71 -24.24
C ILE B 87 11.32 6.15 -23.91
N ILE B 88 11.95 6.71 -22.87
CA ILE B 88 11.64 8.06 -22.41
C ILE B 88 12.50 9.14 -23.05
N ASP B 89 13.58 8.78 -23.77
CA ASP B 89 14.38 9.80 -24.42
C ASP B 89 15.09 9.19 -25.64
N CYS B 90 14.34 9.07 -26.73
CA CYS B 90 14.86 8.53 -27.99
C CYS B 90 15.53 7.18 -27.81
N LYS B 97 21.28 2.44 -33.49
CA LYS B 97 20.64 1.13 -33.46
C LYS B 97 19.13 1.29 -33.24
N PRO B 98 18.34 0.37 -33.79
CA PRO B 98 16.89 0.41 -33.55
C PRO B 98 16.57 0.27 -32.07
N ALA B 99 15.75 1.19 -31.56
CA ALA B 99 15.33 1.11 -30.17
C ALA B 99 14.49 -0.14 -29.93
N ALA B 100 14.59 -0.69 -28.72
CA ALA B 100 13.88 -1.94 -28.42
C ALA B 100 12.37 -1.73 -28.41
N HIS B 101 11.90 -0.56 -27.96
CA HIS B 101 10.46 -0.32 -27.92
C HIS B 101 9.87 -0.15 -29.31
N THR B 102 10.65 0.40 -30.25
CA THR B 102 10.16 0.47 -31.63
C THR B 102 10.08 -0.90 -32.27
N VAL B 103 10.90 -1.85 -31.82
CA VAL B 103 10.98 -3.17 -32.44
C VAL B 103 9.94 -4.09 -31.81
N PHE B 104 10.00 -4.26 -30.49
CA PHE B 104 9.11 -5.18 -29.78
C PHE B 104 7.93 -4.50 -29.10
N GLY B 105 7.86 -3.19 -29.10
CA GLY B 105 6.82 -2.54 -28.32
C GLY B 105 7.34 -2.06 -26.98
N GLU B 106 6.70 -1.01 -26.46
CA GLU B 106 7.08 -0.47 -25.16
C GLU B 106 6.94 -1.46 -24.01
N PRO B 107 5.86 -2.26 -23.91
CA PRO B 107 5.78 -3.21 -22.78
C PRO B 107 6.90 -4.24 -22.78
N THR B 108 7.24 -4.80 -23.95
CA THR B 108 8.32 -5.78 -24.03
C THR B 108 9.66 -5.15 -23.66
N ALA B 109 9.89 -3.90 -24.09
CA ALA B 109 11.13 -3.22 -23.75
C ALA B 109 11.28 -3.03 -22.24
N ILE B 110 10.17 -2.90 -21.53
CA ILE B 110 10.22 -2.78 -20.07
C ILE B 110 10.61 -4.10 -19.44
N VAL B 111 9.95 -5.19 -19.84
CA VAL B 111 10.30 -6.52 -19.34
C VAL B 111 11.74 -6.85 -19.70
N GLY B 112 12.16 -6.49 -20.92
CA GLY B 112 13.53 -6.75 -21.32
C GLY B 112 14.54 -5.99 -20.48
N GLY B 113 14.31 -4.70 -20.28
CA GLY B 113 15.18 -3.93 -19.40
C GLY B 113 15.24 -4.51 -18.00
N ASP B 114 14.10 -4.95 -17.48
CA ASP B 114 14.07 -5.59 -16.16
C ASP B 114 14.84 -6.89 -16.17
N GLY B 115 14.63 -7.72 -17.20
CA GLY B 115 15.39 -8.96 -17.30
C GLY B 115 16.89 -8.71 -17.35
N LEU B 116 17.30 -7.64 -18.04
CA LEU B 116 18.72 -7.30 -18.09
C LEU B 116 19.24 -6.93 -16.71
N PHE B 117 18.49 -6.13 -15.97
CA PHE B 117 18.89 -5.77 -14.60
C PHE B 117 19.06 -7.01 -13.74
N PHE B 118 18.06 -7.89 -13.76
CA PHE B 118 18.10 -9.08 -12.92
C PHE B 118 19.10 -10.10 -13.42
N HIS B 119 19.39 -10.11 -14.73
CA HIS B 119 20.51 -10.91 -15.21
C HIS B 119 21.83 -10.37 -14.68
N GLY B 120 21.94 -9.05 -14.56
CA GLY B 120 23.10 -8.47 -13.92
C GLY B 120 23.23 -8.89 -12.46
N PHE B 121 22.14 -8.76 -11.71
CA PHE B 121 22.17 -9.14 -10.30
C PHE B 121 22.49 -10.61 -10.12
N ALA B 122 21.97 -11.47 -11.00
CA ALA B 122 22.30 -12.90 -10.93
C ALA B 122 23.75 -13.14 -11.27
N ALA B 123 24.28 -12.42 -12.27
CA ALA B 123 25.67 -12.61 -12.67
C ALA B 123 26.63 -12.17 -11.57
N LEU B 124 26.31 -11.06 -10.90
CA LEU B 124 27.15 -10.62 -9.78
C LEU B 124 27.10 -11.60 -8.62
N SER B 125 25.99 -12.33 -8.48
CA SER B 125 25.88 -13.34 -7.44
C SER B 125 26.77 -14.55 -7.70
N GLU B 126 27.14 -14.81 -8.97
CA GLU B 126 27.96 -15.95 -9.30
C GLU B 126 29.42 -15.78 -8.87
N CYS B 127 29.81 -14.57 -8.43
CA CYS B 127 31.19 -14.34 -8.00
C CYS B 127 31.52 -15.07 -6.70
N ARG B 128 30.53 -15.40 -5.89
CA ARG B 128 30.79 -16.13 -4.65
C ARG B 128 31.41 -17.49 -4.92
N GLU B 129 30.76 -18.30 -5.76
CA GLU B 129 31.36 -19.56 -6.16
C GLU B 129 32.62 -19.37 -6.99
N ALA B 130 32.80 -18.18 -7.58
CA ALA B 130 34.02 -17.89 -8.31
C ALA B 130 35.21 -17.70 -7.39
N GLY B 131 34.98 -17.43 -6.10
CA GLY B 131 36.06 -17.36 -5.14
C GLY B 131 36.04 -16.13 -4.26
N ALA B 132 35.18 -15.17 -4.57
CA ALA B 132 35.09 -13.96 -3.78
C ALA B 132 34.46 -14.27 -2.42
N PRO B 133 35.01 -13.70 -1.33
CA PRO B 133 34.36 -13.87 -0.03
C PRO B 133 32.99 -13.19 0.00
N ALA B 134 32.05 -13.83 0.70
CA ALA B 134 30.67 -13.35 0.73
C ALA B 134 30.56 -11.91 1.19
N GLU B 135 31.49 -11.46 2.04
CA GLU B 135 31.49 -10.06 2.46
C GLU B 135 31.76 -9.13 1.28
N ARG B 136 32.63 -9.54 0.36
CA ARG B 136 32.95 -8.69 -0.78
C ARG B 136 31.83 -8.67 -1.81
N VAL B 137 31.14 -9.79 -2.00
CA VAL B 137 29.99 -9.80 -2.91
C VAL B 137 28.94 -8.79 -2.44
N ALA B 138 28.70 -8.74 -1.13
CA ALA B 138 27.73 -7.78 -0.62
C ALA B 138 28.22 -6.35 -0.81
N GLN B 139 29.51 -6.12 -0.63
CA GLN B 139 30.08 -4.80 -0.88
C GLN B 139 30.00 -4.44 -2.37
N ALA B 140 30.20 -5.44 -3.24
CA ALA B 140 30.04 -5.20 -4.68
C ALA B 140 28.61 -4.81 -5.03
N PHE B 141 27.64 -5.49 -4.44
CA PHE B 141 26.24 -5.14 -4.67
C PHE B 141 25.94 -3.74 -4.15
N THR B 142 26.56 -3.35 -3.03
CA THR B 142 26.37 -1.99 -2.51
C THR B 142 26.93 -0.96 -3.49
N VAL B 143 28.16 -1.15 -3.95
CA VAL B 143 28.74 -0.24 -4.93
C VAL B 143 27.88 -0.21 -6.19
N LEU B 144 27.44 -1.38 -6.64
CA LEU B 144 26.59 -1.45 -7.83
C LEU B 144 25.28 -0.71 -7.62
N SER B 145 24.65 -0.90 -6.45
CA SER B 145 23.35 -0.30 -6.20
C SER B 145 23.46 1.22 -6.01
N ARG B 146 24.44 1.67 -5.22
CA ARG B 146 24.61 3.10 -4.99
C ARG B 146 25.00 3.84 -6.27
N ALA B 147 25.88 3.25 -7.08
CA ALA B 147 26.24 3.87 -8.35
C ALA B 147 25.03 3.95 -9.28
N GLY B 148 24.24 2.88 -9.35
CA GLY B 148 23.05 2.89 -10.18
C GLY B 148 22.03 3.92 -9.76
N LEU B 149 22.02 4.28 -8.47
CA LEU B 149 21.13 5.35 -8.01
C LEU B 149 21.65 6.70 -8.44
N ARG B 150 22.97 6.84 -8.61
CA ARG B 150 23.55 8.08 -9.10
C ARG B 150 23.22 8.30 -10.57
N ILE B 151 23.21 7.21 -11.35
CA ILE B 151 22.92 7.29 -12.78
C ILE B 151 21.46 7.60 -13.00
N GLY B 152 20.57 6.99 -12.21
CA GLY B 152 19.15 7.25 -12.36
C GLY B 152 18.77 8.66 -11.90
N SER B 153 19.34 9.11 -10.78
CA SER B 153 19.07 10.46 -10.30
C SER B 153 19.59 11.50 -11.29
N ALA B 154 20.76 11.25 -11.88
CA ALA B 154 21.32 12.18 -12.86
C ALA B 154 20.45 12.26 -14.10
N ALA B 155 19.97 11.12 -14.58
CA ALA B 155 19.12 11.10 -15.77
C ALA B 155 17.85 11.93 -15.54
N LEU B 156 17.26 11.83 -14.35
CA LEU B 156 16.10 12.66 -14.03
C LEU B 156 16.48 14.13 -13.93
N ARG B 157 17.71 14.42 -13.47
CA ARG B 157 18.15 15.80 -13.38
C ARG B 157 18.39 16.39 -14.78
N GLU B 158 18.93 15.59 -15.70
CA GLU B 158 19.03 16.01 -17.09
C GLU B 158 17.70 16.48 -17.63
N ILE B 159 16.62 15.79 -17.26
CA ILE B 159 15.29 16.18 -17.69
C ILE B 159 14.84 17.44 -16.97
N ARG B 160 15.25 17.60 -15.70
CA ARG B 160 14.76 18.68 -14.85
C ARG B 160 15.59 19.96 -15.00
N MET B 161 16.91 19.85 -15.19
CA MET B 161 17.75 21.03 -15.37
C MET B 161 17.53 21.70 -16.72
N SER B 162 16.87 21.03 -17.66
CA SER B 162 16.60 21.63 -18.96
C SER B 162 15.81 22.92 -18.79
N ARG B 163 15.79 23.72 -19.85
CA ARG B 163 15.09 25.01 -19.86
C ARG B 163 15.64 25.95 -18.78
N GLU B 164 16.94 25.82 -18.49
CA GLU B 164 17.56 26.63 -17.46
C GLU B 164 19.07 26.68 -17.68
N ILE B 165 19.62 27.88 -17.54
CA ILE B 165 21.07 28.02 -17.46
C ILE B 165 21.49 27.63 -16.06
N CYS B 166 22.47 26.74 -15.95
CA CYS B 166 22.94 26.28 -14.65
C CYS B 166 24.41 26.64 -14.46
N SER B 167 24.86 26.55 -13.21
CA SER B 167 26.26 26.82 -12.92
C SER B 167 27.16 25.76 -13.56
N VAL B 168 28.36 26.20 -13.97
CA VAL B 168 29.36 25.26 -14.47
C VAL B 168 29.69 24.23 -13.39
N GLN B 169 29.79 24.69 -12.14
CA GLN B 169 30.04 23.76 -11.04
C GLN B 169 28.90 22.78 -10.88
N ASP B 170 27.66 23.25 -11.01
CA ASP B 170 26.51 22.37 -10.98
C ASP B 170 26.52 21.42 -12.17
N TYR B 171 26.97 21.90 -13.34
CA TYR B 171 27.06 21.03 -14.50
C TYR B 171 28.09 19.92 -14.28
N LEU B 172 29.24 20.27 -13.70
CA LEU B 172 30.28 19.26 -13.50
C LEU B 172 29.83 18.17 -12.53
N ASP B 173 29.11 18.56 -11.47
CA ASP B 173 28.64 17.57 -10.51
C ASP B 173 27.60 16.64 -11.13
N MET B 174 26.70 17.19 -11.96
CA MET B 174 25.67 16.38 -12.59
C MET B 174 26.26 15.38 -13.58
N ILE B 175 27.21 15.82 -14.42
CA ILE B 175 27.81 14.89 -15.37
C ILE B 175 28.76 13.92 -14.67
N ALA B 176 29.27 14.28 -13.48
CA ALA B 176 30.03 13.31 -12.70
C ALA B 176 29.14 12.17 -12.22
N ASP B 177 27.87 12.45 -11.95
CA ASP B 177 26.93 11.38 -11.62
C ASP B 177 26.41 10.68 -12.86
N LYS B 178 26.34 11.38 -13.98
CA LYS B 178 25.84 10.76 -15.21
C LYS B 178 26.87 9.83 -15.83
N SER B 179 28.13 10.26 -15.90
CA SER B 179 29.19 9.50 -16.56
C SER B 179 30.20 8.90 -15.60
N GLY B 180 30.57 9.62 -14.53
CA GLY B 180 31.54 9.07 -13.59
C GLY B 180 30.99 7.87 -12.84
N ALA B 181 29.69 7.88 -12.54
CA ALA B 181 29.09 6.74 -11.85
C ALA B 181 29.05 5.52 -12.76
N LEU B 182 28.82 5.74 -14.06
CA LEU B 182 28.94 4.66 -15.03
C LEU B 182 30.35 4.07 -14.98
N LEU B 183 31.36 4.93 -14.86
CA LEU B 183 32.75 4.50 -14.76
C LEU B 183 33.06 3.94 -13.38
N TRP B 184 32.53 4.56 -12.32
CA TRP B 184 32.75 4.06 -10.97
C TRP B 184 32.13 2.68 -10.78
N MET B 185 31.04 2.38 -11.48
CA MET B 185 30.49 1.02 -11.44
C MET B 185 31.52 -0.01 -11.90
N ALA B 186 32.35 0.34 -12.89
CA ALA B 186 33.40 -0.57 -13.30
C ALA B 186 34.53 -0.59 -12.27
N CYS B 187 35.04 0.59 -11.91
CA CYS B 187 36.16 0.67 -10.99
C CYS B 187 35.75 0.24 -9.58
N GLY B 188 34.56 0.63 -9.14
CA GLY B 188 34.13 0.28 -7.78
C GLY B 188 33.95 -1.21 -7.60
N VAL B 189 33.22 -1.86 -8.52
CA VAL B 189 33.04 -3.30 -8.43
C VAL B 189 34.36 -4.02 -8.69
N GLY B 190 35.13 -3.55 -9.66
CA GLY B 190 36.43 -4.18 -9.93
C GLY B 190 37.36 -4.09 -8.74
N GLY B 191 37.46 -2.91 -8.14
CA GLY B 191 38.29 -2.75 -6.95
C GLY B 191 37.81 -3.59 -5.79
N THR B 192 36.49 -3.67 -5.60
CA THR B 192 35.94 -4.47 -4.53
C THR B 192 36.33 -5.94 -4.67
N LEU B 193 36.10 -6.50 -5.86
CA LEU B 193 36.42 -7.91 -6.09
C LEU B 193 37.92 -8.18 -5.98
N GLY B 194 38.74 -7.22 -6.39
CA GLY B 194 40.19 -7.38 -6.28
C GLY B 194 40.72 -7.26 -4.87
N GLY B 195 39.92 -6.81 -3.92
CA GLY B 195 40.39 -6.65 -2.56
C GLY B 195 41.12 -5.35 -2.31
N ALA B 196 40.81 -4.31 -3.09
CA ALA B 196 41.48 -3.03 -2.95
C ALA B 196 41.18 -2.38 -1.60
N ASP B 197 42.20 -1.78 -1.01
CA ASP B 197 42.01 -1.04 0.23
C ASP B 197 41.23 0.24 -0.05
N GLU B 198 40.94 1.00 1.02
CA GLU B 198 40.11 2.19 0.86
C GLU B 198 40.83 3.24 0.03
N ALA B 199 42.15 3.36 0.17
CA ALA B 199 42.88 4.37 -0.58
C ALA B 199 42.91 4.05 -2.07
N ALA B 200 43.01 2.76 -2.41
CA ALA B 200 42.93 2.38 -3.82
C ALA B 200 41.53 2.61 -4.37
N LEU B 201 40.51 2.30 -3.58
CA LEU B 201 39.14 2.55 -4.00
C LEU B 201 38.86 4.04 -4.13
N LYS B 202 39.42 4.84 -3.22
CA LYS B 202 39.28 6.29 -3.31
C LYS B 202 39.95 6.83 -4.57
N ALA B 203 41.09 6.26 -4.93
CA ALA B 203 41.76 6.65 -6.16
C ALA B 203 40.92 6.29 -7.38
N LEU B 204 40.38 5.06 -7.39
CA LEU B 204 39.50 4.65 -8.47
C LEU B 204 38.25 5.51 -8.55
N SER B 205 37.77 6.01 -7.40
CA SER B 205 36.58 6.86 -7.39
C SER B 205 36.87 8.20 -8.08
N GLN B 206 37.95 8.88 -7.68
CA GLN B 206 38.30 10.14 -8.33
C GLN B 206 38.62 9.95 -9.80
N TYR B 207 39.34 8.87 -10.12
CA TYR B 207 39.63 8.56 -11.52
C TYR B 207 38.35 8.41 -12.33
N SER B 208 37.33 7.77 -11.74
CA SER B 208 36.08 7.54 -12.47
C SER B 208 35.35 8.86 -12.76
N ASP B 209 35.23 9.72 -11.74
CA ASP B 209 34.54 11.00 -11.91
C ASP B 209 35.32 11.93 -12.83
N GLN B 210 36.63 12.06 -12.60
CA GLN B 210 37.43 12.97 -13.43
C GLN B 210 37.41 12.52 -14.88
N LEU B 211 37.46 11.21 -15.13
CA LEU B 211 37.31 10.72 -16.49
C LEU B 211 35.88 10.87 -16.98
N GLY B 212 34.91 10.71 -16.08
CA GLY B 212 33.53 10.91 -16.46
C GLY B 212 33.24 12.34 -16.83
N ILE B 213 33.80 13.30 -16.08
CA ILE B 213 33.66 14.71 -16.42
C ILE B 213 34.23 14.99 -17.80
N ALA B 214 35.46 14.54 -18.04
CA ALA B 214 36.13 14.80 -19.31
C ALA B 214 35.40 14.14 -20.47
N TYR B 215 35.03 12.86 -20.30
CA TYR B 215 34.42 12.11 -21.38
C TYR B 215 33.12 12.77 -21.84
N GLN B 216 32.29 13.24 -20.90
CA GLN B 216 31.06 13.90 -21.29
C GLN B 216 31.34 15.23 -21.97
N ILE B 217 32.35 15.96 -21.51
CA ILE B 217 32.73 17.19 -22.18
C ILE B 217 33.07 16.92 -23.65
N ARG B 218 33.82 15.84 -23.90
CA ARG B 218 34.09 15.43 -25.28
C ARG B 218 32.80 15.22 -26.06
N ALA B 219 31.79 14.65 -25.43
CA ALA B 219 30.49 14.50 -26.10
C ALA B 219 29.85 15.85 -26.35
N ASP B 220 29.91 16.76 -25.37
CA ASP B 220 29.41 18.11 -25.58
C ASP B 220 30.20 18.86 -26.65
N LEU B 221 31.46 18.48 -26.87
CA LEU B 221 32.31 19.23 -27.78
C LEU B 221 32.11 18.87 -29.25
N MET B 222 31.62 17.67 -29.52
CA MET B 222 31.46 17.25 -30.92
C MET B 222 30.28 17.99 -31.56
N ALA B 223 29.24 18.29 -30.78
CA ALA B 223 28.22 19.22 -31.23
C ALA B 223 28.74 20.65 -31.27
N TYR B 224 29.91 20.90 -30.67
CA TYR B 224 30.53 22.23 -30.56
C TYR B 224 29.58 23.28 -30.00
N ASP B 225 28.58 22.86 -29.24
CA ASP B 225 27.68 23.82 -28.61
C ASP B 225 27.81 23.77 -27.08
N ARG B 238 19.16 16.20 -27.24
CA ARG B 238 19.25 17.16 -26.14
C ARG B 238 18.61 18.50 -26.51
N ASN B 239 17.41 18.75 -26.00
CA ASN B 239 16.64 19.95 -26.31
C ASN B 239 16.60 20.87 -25.10
N GLY B 240 17.03 22.11 -25.29
CA GLY B 240 17.02 23.09 -24.22
C GLY B 240 17.84 22.68 -23.01
N ARG B 241 18.87 21.86 -23.21
CA ARG B 241 19.66 21.43 -22.08
C ARG B 241 21.00 22.15 -22.05
N PRO B 242 21.51 22.44 -20.86
CA PRO B 242 22.80 23.13 -20.75
C PRO B 242 23.95 22.21 -21.13
N THR B 243 24.96 22.80 -21.78
CA THR B 243 26.21 22.11 -22.07
C THR B 243 27.36 23.00 -21.64
N LEU B 244 28.55 22.41 -21.51
CA LEU B 244 29.69 23.19 -21.04
C LEU B 244 30.11 24.30 -22.00
N PRO B 245 30.25 24.06 -23.32
CA PRO B 245 30.59 25.18 -24.20
C PRO B 245 29.58 26.32 -24.18
N VAL B 246 28.29 26.00 -24.06
CA VAL B 246 27.28 27.04 -23.93
C VAL B 246 27.40 27.74 -22.58
N LEU B 247 27.65 26.96 -21.52
CA LEU B 247 27.71 27.54 -20.18
C LEU B 247 28.91 28.47 -20.04
N LEU B 248 30.07 28.08 -20.56
CA LEU B 248 31.25 28.93 -20.51
C LEU B 248 31.06 30.16 -21.40
N ALA B 249 30.49 29.98 -22.59
CA ALA B 249 30.22 31.12 -23.46
C ALA B 249 29.18 32.05 -22.82
N HIS B 250 28.17 31.48 -22.17
CA HIS B 250 27.16 32.30 -21.51
C HIS B 250 27.79 33.16 -20.42
N GLU B 251 28.69 32.58 -19.62
CA GLU B 251 29.33 33.36 -18.57
C GLU B 251 30.17 34.49 -19.16
N ARG B 252 30.77 34.29 -20.34
CA ARG B 252 31.61 35.31 -20.93
C ARG B 252 30.81 36.36 -21.71
N ALA B 253 29.64 35.98 -22.22
CA ALA B 253 28.84 36.91 -23.01
C ALA B 253 28.24 37.99 -22.12
N PRO B 254 28.01 39.18 -22.66
CA PRO B 254 27.29 40.20 -21.89
C PRO B 254 25.87 39.73 -21.59
N ARG B 255 25.25 40.36 -20.58
CA ARG B 255 23.98 39.87 -20.07
C ARG B 255 22.91 39.85 -21.16
N GLU B 256 22.86 40.90 -21.99
CA GLU B 256 21.87 40.95 -23.06
C GLU B 256 22.02 39.76 -24.00
N GLN B 257 23.27 39.41 -24.33
CA GLN B 257 23.50 38.22 -25.13
C GLN B 257 23.24 36.96 -24.30
N GLN B 258 23.62 37.00 -23.02
CA GLN B 258 23.24 35.93 -22.09
C GLN B 258 21.74 35.75 -22.06
N LEU B 259 20.99 36.87 -22.03
CA LEU B 259 19.54 36.78 -22.09
C LEU B 259 19.10 35.93 -23.26
N ARG B 260 19.67 36.19 -24.45
CA ARG B 260 19.31 35.43 -25.64
C ARG B 260 19.55 33.94 -25.44
N ILE B 261 20.74 33.57 -24.96
CA ILE B 261 21.08 32.17 -24.75
C ILE B 261 20.02 31.49 -23.88
N GLU B 262 19.51 32.23 -22.89
CA GLU B 262 18.44 31.70 -22.06
C GLU B 262 17.15 31.52 -22.85
N ARG B 263 16.82 32.48 -23.73
CA ARG B 263 15.66 32.31 -24.60
C ARG B 263 15.89 31.14 -25.54
N LEU B 264 17.14 30.93 -25.96
CA LEU B 264 17.49 29.76 -26.74
C LEU B 264 17.15 28.49 -25.99
N LEU B 265 17.43 28.45 -24.67
CA LEU B 265 17.01 27.30 -23.89
C LEU B 265 15.50 27.31 -23.71
N ALA B 266 14.92 28.51 -23.51
CA ALA B 266 13.49 28.60 -23.28
C ALA B 266 12.72 27.90 -24.39
N ASP B 267 13.11 28.14 -25.63
CA ASP B 267 12.43 27.61 -26.82
C ASP B 267 10.92 27.81 -26.70
N THR B 268 10.53 29.08 -26.74
CA THR B 268 9.11 29.39 -26.73
C THR B 268 8.52 29.24 -28.12
N ALA B 269 9.07 29.98 -29.10
CA ALA B 269 8.62 29.92 -30.49
C ALA B 269 9.88 29.88 -31.37
N ALA B 270 10.47 28.69 -31.51
CA ALA B 270 11.62 28.54 -32.39
C ALA B 270 11.80 27.07 -32.73
N PRO B 271 12.25 26.76 -33.94
CA PRO B 271 12.48 25.36 -34.32
C PRO B 271 13.72 24.79 -33.63
N ALA B 272 13.68 23.47 -33.40
CA ALA B 272 14.78 22.81 -32.70
C ALA B 272 16.10 23.03 -33.41
N ALA B 273 16.09 22.93 -34.75
CA ALA B 273 17.31 23.18 -35.51
C ALA B 273 17.83 24.59 -35.28
N GLU B 274 16.95 25.58 -35.43
CA GLU B 274 17.35 26.98 -35.30
C GLU B 274 17.90 27.32 -33.92
N ARG B 275 17.56 26.52 -32.90
CA ARG B 275 18.24 26.67 -31.61
C ARG B 275 19.73 26.44 -31.78
N TYR B 276 20.10 25.37 -32.50
CA TYR B 276 21.49 24.99 -32.66
C TYR B 276 22.31 26.07 -33.35
N LYS B 277 21.83 26.58 -34.49
CA LYS B 277 22.58 27.62 -35.18
C LYS B 277 22.77 28.85 -34.30
N ALA B 278 21.76 29.20 -33.50
CA ALA B 278 21.89 30.34 -32.60
C ALA B 278 22.89 30.06 -31.49
N MET B 279 22.92 28.82 -30.97
CA MET B 279 23.87 28.47 -29.92
C MET B 279 25.29 28.44 -30.44
N ALA B 280 25.49 27.93 -31.66
CA ALA B 280 26.83 27.78 -32.21
C ALA B 280 27.49 29.13 -32.44
N ASP B 281 26.72 30.15 -32.83
CA ASP B 281 27.30 31.47 -33.06
C ASP B 281 27.79 32.09 -31.77
N LEU B 282 27.02 31.96 -30.69
CA LEU B 282 27.43 32.54 -29.41
C LEU B 282 28.57 31.76 -28.78
N VAL B 283 28.58 30.43 -28.95
CA VAL B 283 29.69 29.63 -28.44
C VAL B 283 30.98 29.99 -29.17
N GLY B 284 30.91 30.14 -30.49
CA GLY B 284 32.09 30.52 -31.25
C GLY B 284 32.58 31.93 -30.96
N ALA B 285 31.66 32.85 -30.63
CA ALA B 285 32.04 34.22 -30.36
C ALA B 285 32.80 34.36 -29.05
N TYR B 286 32.62 33.44 -28.11
CA TYR B 286 33.23 33.53 -26.79
C TYR B 286 34.10 32.32 -26.47
N ASP B 287 34.54 31.59 -27.49
CA ASP B 287 35.52 30.52 -27.34
C ASP B 287 35.06 29.44 -26.36
N GLY B 288 33.74 29.16 -26.37
CA GLY B 288 33.22 28.14 -25.48
C GLY B 288 33.74 26.76 -25.78
N ALA B 289 34.01 26.46 -27.04
CA ALA B 289 34.51 25.15 -27.41
C ALA B 289 35.92 24.91 -26.87
N GLN B 290 36.85 25.82 -27.18
CA GLN B 290 38.22 25.66 -26.69
C GLN B 290 38.29 25.68 -25.17
N ALA B 291 37.53 26.59 -24.54
CA ALA B 291 37.51 26.64 -23.08
C ALA B 291 37.05 25.32 -22.47
N ALA B 292 36.05 24.68 -23.09
CA ALA B 292 35.61 23.38 -22.62
C ALA B 292 36.69 22.32 -22.79
N ARG B 293 37.49 22.42 -23.86
CA ARG B 293 38.61 21.49 -24.03
C ARG B 293 39.64 21.64 -22.93
N GLU B 294 40.00 22.89 -22.61
CA GLU B 294 40.99 23.13 -21.57
C GLU B 294 40.46 22.71 -20.19
N VAL B 295 39.16 22.87 -19.95
CA VAL B 295 38.55 22.34 -18.74
C VAL B 295 38.67 20.82 -18.71
N SER B 296 38.31 20.17 -19.83
CA SER B 296 38.42 18.72 -19.93
C SER B 296 39.83 18.24 -19.66
N HIS B 297 40.83 18.95 -20.20
CA HIS B 297 42.22 18.54 -20.03
C HIS B 297 42.61 18.50 -18.56
N ARG B 298 42.16 19.47 -17.77
CA ARG B 298 42.48 19.48 -16.35
C ARG B 298 41.92 18.24 -15.65
N HIS B 299 40.70 17.83 -16.03
CA HIS B 299 40.09 16.67 -15.40
C HIS B 299 40.76 15.38 -15.85
N VAL B 300 41.35 15.37 -17.05
CA VAL B 300 42.12 14.21 -17.49
C VAL B 300 43.34 14.03 -16.59
N GLN B 301 44.04 15.13 -16.30
CA GLN B 301 45.23 15.02 -15.46
C GLN B 301 44.87 14.65 -14.03
N LEU B 302 43.71 15.10 -13.56
CA LEU B 302 43.24 14.70 -12.24
C LEU B 302 42.89 13.21 -12.22
N ALA B 303 42.41 12.67 -13.33
CA ALA B 303 42.15 11.25 -13.42
C ALA B 303 43.44 10.45 -13.40
N THR B 304 44.43 10.88 -14.19
CA THR B 304 45.72 10.21 -14.21
C THR B 304 46.47 10.39 -12.89
N ARG B 305 46.29 11.53 -12.24
CA ARG B 305 46.90 11.72 -10.93
C ARG B 305 46.38 10.71 -9.92
N ALA B 306 45.07 10.44 -9.96
CA ALA B 306 44.48 9.47 -9.05
C ALA B 306 45.04 8.07 -9.27
N LEU B 307 45.39 7.73 -10.52
CA LEU B 307 45.89 6.39 -10.80
C LEU B 307 47.21 6.11 -10.11
N GLN B 308 48.00 7.15 -9.83
CA GLN B 308 49.33 6.93 -9.26
C GLN B 308 49.27 6.29 -7.88
N THR B 309 48.13 6.34 -7.21
CA THR B 309 47.97 5.62 -5.95
C THR B 309 48.04 4.12 -6.15
N LEU B 310 47.49 3.63 -7.27
CA LEU B 310 47.54 2.21 -7.57
C LEU B 310 48.97 1.78 -7.90
N PRO B 311 49.31 0.51 -7.67
CA PRO B 311 50.67 0.07 -7.95
C PRO B 311 50.90 -0.05 -9.45
N PRO B 312 52.14 0.12 -9.90
CA PRO B 312 52.41 0.06 -11.35
C PRO B 312 52.15 -1.33 -11.91
N SER B 313 51.46 -1.37 -13.05
CA SER B 313 51.09 -2.62 -13.72
C SER B 313 50.59 -2.28 -15.12
N PRO B 314 50.58 -3.25 -16.03
CA PRO B 314 49.93 -3.01 -17.32
C PRO B 314 48.46 -2.65 -17.19
N HIS B 315 47.81 -3.07 -16.10
CA HIS B 315 46.41 -2.70 -15.88
C HIS B 315 46.29 -1.21 -15.55
N ARG B 316 47.19 -0.69 -14.71
CA ARG B 316 47.22 0.74 -14.47
C ARG B 316 47.61 1.49 -15.73
N ASP B 317 48.48 0.91 -16.55
CA ASP B 317 48.82 1.51 -17.84
C ASP B 317 47.61 1.52 -18.76
N ALA B 318 46.78 0.47 -18.70
CA ALA B 318 45.59 0.42 -19.53
C ALA B 318 44.58 1.51 -19.15
N LEU B 319 44.41 1.75 -17.85
CA LEU B 319 43.50 2.80 -17.40
C LEU B 319 44.02 4.18 -17.79
N GLU B 320 45.33 4.38 -17.71
CA GLU B 320 45.91 5.66 -18.10
C GLU B 320 45.74 5.92 -19.59
N ASP B 321 45.95 4.89 -20.41
CA ASP B 321 45.78 5.02 -21.85
C ASP B 321 44.33 5.31 -22.21
N LEU B 322 43.39 4.93 -21.34
CA LEU B 322 41.97 5.20 -21.56
C LEU B 322 41.64 6.68 -21.44
N THR B 323 42.46 7.44 -20.72
CA THR B 323 42.23 8.88 -20.58
C THR B 323 42.60 9.67 -21.82
N VAL B 324 43.31 9.07 -22.77
CA VAL B 324 43.69 9.79 -23.99
C VAL B 324 42.44 10.08 -24.80
N PRO B 325 42.28 11.30 -25.33
CA PRO B 325 41.04 11.64 -26.06
C PRO B 325 40.79 10.68 -27.23
N GLY B 326 39.52 10.30 -27.39
CA GLY B 326 39.12 9.41 -28.45
C GLY B 326 39.27 7.93 -28.15
N ARG B 327 39.98 7.58 -27.08
CA ARG B 327 40.19 6.16 -26.78
C ARG B 327 38.97 5.55 -26.10
N LEU B 328 38.39 6.25 -25.13
CA LEU B 328 37.18 5.75 -24.46
C LEU B 328 35.96 6.05 -25.30
N VAL B 329 35.13 5.03 -25.54
CA VAL B 329 33.84 5.17 -26.19
C VAL B 329 32.84 4.31 -25.43
N LEU B 330 31.68 4.87 -25.12
CA LEU B 330 30.65 4.10 -24.40
C LEU B 330 29.42 3.88 -25.26
N PHE C 44 -2.38 -9.42 -2.48
CA PHE C 44 -1.45 -10.39 -1.89
C PHE C 44 -0.10 -10.33 -2.60
N GLY C 45 0.94 -10.84 -1.93
CA GLY C 45 2.27 -10.79 -2.47
C GLY C 45 2.94 -9.47 -2.15
N LYS C 46 2.58 -8.42 -2.88
CA LYS C 46 3.03 -7.09 -2.50
C LYS C 46 2.54 -6.74 -1.10
N MET C 47 1.25 -6.93 -0.85
CA MET C 47 0.69 -6.60 0.45
C MET C 47 1.09 -7.63 1.50
N MET C 48 1.61 -8.79 1.08
CA MET C 48 1.86 -9.89 1.99
C MET C 48 3.26 -10.48 1.96
N GLY C 49 4.01 -10.37 0.86
CA GLY C 49 5.32 -10.98 0.76
C GLY C 49 6.27 -10.64 1.89
N PRO C 50 6.38 -9.36 2.27
CA PRO C 50 7.19 -9.03 3.44
C PRO C 50 6.85 -9.88 4.65
N TRP C 51 5.57 -10.20 4.84
CA TRP C 51 5.12 -11.04 5.95
C TRP C 51 5.35 -12.51 5.65
N LEU C 52 5.18 -12.89 4.38
CA LEU C 52 5.49 -14.25 3.97
C LEU C 52 6.97 -14.56 4.25
N LEU C 53 7.83 -13.58 3.99
CA LEU C 53 9.27 -13.74 4.24
C LEU C 53 9.55 -13.88 5.73
N ILE C 54 8.95 -13.02 6.55
CA ILE C 54 9.19 -13.06 7.99
C ILE C 54 8.71 -14.37 8.59
N ARG C 55 7.52 -14.82 8.20
CA ARG C 55 7.03 -16.10 8.65
C ARG C 55 7.90 -17.23 8.15
N SER C 56 8.40 -17.10 6.92
CA SER C 56 9.28 -18.12 6.35
C SER C 56 10.60 -18.19 7.11
N ALA C 57 11.14 -17.03 7.49
CA ALA C 57 12.38 -17.01 8.25
C ALA C 57 12.18 -17.60 9.65
N LEU C 58 11.08 -17.24 10.31
CA LEU C 58 10.85 -17.69 11.68
C LEU C 58 10.40 -19.15 11.74
N ALA C 59 9.65 -19.61 10.74
CA ALA C 59 9.18 -21.00 10.76
C ALA C 59 10.34 -21.98 10.67
N VAL C 60 11.45 -21.58 10.02
CA VAL C 60 12.63 -22.42 9.91
C VAL C 60 13.66 -22.12 10.98
N GLY C 61 13.36 -21.23 11.91
CA GLY C 61 14.26 -20.95 13.01
C GLY C 61 15.11 -19.70 12.88
N GLY C 62 14.78 -18.80 11.97
CA GLY C 62 15.56 -17.61 11.74
C GLY C 62 15.41 -16.57 12.85
N ASP C 63 16.13 -15.47 12.68
CA ASP C 63 16.11 -14.35 13.61
C ASP C 63 15.29 -13.21 13.02
N ILE C 64 14.50 -12.56 13.88
CA ILE C 64 13.70 -11.43 13.42
C ILE C 64 14.59 -10.23 13.13
N ALA C 65 15.68 -10.08 13.88
CA ALA C 65 16.52 -8.89 13.74
C ALA C 65 17.11 -8.79 12.34
N THR C 66 17.27 -9.92 11.65
CA THR C 66 17.74 -9.95 10.27
C THR C 66 16.59 -10.01 9.27
N ALA C 67 15.51 -10.72 9.61
CA ALA C 67 14.38 -10.84 8.70
C ALA C 67 13.66 -9.51 8.51
N LEU C 68 13.74 -8.61 9.50
CA LEU C 68 13.01 -7.35 9.40
C LEU C 68 13.55 -6.45 8.29
N PRO C 69 14.85 -6.13 8.24
CA PRO C 69 15.33 -5.32 7.10
C PRO C 69 15.27 -6.05 5.78
N ALA C 70 15.36 -7.39 5.78
CA ALA C 70 15.22 -8.14 4.54
C ALA C 70 13.80 -8.05 4.01
N ALA C 71 12.80 -8.15 4.89
CA ALA C 71 11.42 -7.97 4.47
C ALA C 71 11.20 -6.56 3.92
N VAL C 72 11.81 -5.56 4.56
CA VAL C 72 11.73 -4.20 4.05
C VAL C 72 12.42 -4.11 2.70
N ALA C 73 13.58 -4.77 2.56
CA ALA C 73 14.26 -4.82 1.26
C ALA C 73 13.38 -5.46 0.21
N LEU C 74 12.64 -6.50 0.59
CA LEU C 74 11.77 -7.19 -0.35
C LEU C 74 10.63 -6.30 -0.85
N GLU C 75 10.10 -5.43 0.00
CA GLU C 75 9.07 -4.49 -0.44
C GLU C 75 9.52 -3.65 -1.63
N CYS C 76 10.77 -3.16 -1.60
CA CYS C 76 11.24 -2.28 -2.66
C CYS C 76 11.17 -2.95 -4.03
N VAL C 77 11.70 -4.17 -4.13
CA VAL C 77 11.71 -4.88 -5.41
C VAL C 77 10.28 -5.15 -5.88
N GLN C 78 9.39 -5.47 -4.93
CA GLN C 78 7.99 -5.68 -5.28
C GLN C 78 7.33 -4.37 -5.70
N VAL C 79 7.71 -3.25 -5.09
CA VAL C 79 7.17 -1.96 -5.51
C VAL C 79 7.61 -1.65 -6.94
N GLY C 80 8.91 -1.76 -7.20
CA GLY C 80 9.41 -1.52 -8.54
C GLY C 80 8.76 -2.40 -9.59
N ALA C 81 8.51 -3.66 -9.24
CA ALA C 81 7.80 -4.54 -10.15
C ALA C 81 6.38 -4.05 -10.40
N MET C 82 5.74 -3.49 -9.38
CA MET C 82 4.39 -2.95 -9.55
C MET C 82 4.38 -1.75 -10.47
N MET C 83 5.27 -0.78 -10.23
CA MET C 83 5.30 0.43 -11.04
C MET C 83 5.51 0.11 -12.51
N HIS C 84 6.33 -0.90 -12.81
CA HIS C 84 6.54 -1.28 -14.20
C HIS C 84 5.38 -2.11 -14.74
N ASP C 85 4.84 -3.02 -13.93
CA ASP C 85 3.65 -3.76 -14.37
C ASP C 85 2.48 -2.85 -14.64
N ASP C 86 2.37 -1.75 -13.88
CA ASP C 86 1.27 -0.81 -14.09
C ASP C 86 1.41 -0.06 -15.42
N ILE C 87 2.64 0.13 -15.90
CA ILE C 87 2.83 0.82 -17.17
C ILE C 87 2.42 -0.08 -18.33
N ILE C 88 2.84 -1.35 -18.29
CA ILE C 88 2.54 -2.27 -19.39
C ILE C 88 1.06 -2.62 -19.41
N ASP C 89 0.40 -2.58 -18.26
CA ASP C 89 -1.05 -2.82 -18.17
C ASP C 89 -1.78 -1.53 -18.54
N CYS C 90 -2.23 -1.45 -19.79
CA CYS C 90 -2.85 -0.25 -20.33
C CYS C 90 -4.16 0.05 -19.60
N VAL C 103 0.77 9.56 -12.69
CA VAL C 103 1.13 10.34 -11.51
C VAL C 103 2.62 10.63 -11.50
N PHE C 104 3.43 9.62 -11.80
CA PHE C 104 4.88 9.76 -11.76
C PHE C 104 5.41 10.43 -13.02
N GLY C 105 4.80 10.12 -14.16
CA GLY C 105 5.36 10.52 -15.43
C GLY C 105 6.25 9.39 -15.88
N GLU C 106 6.26 9.06 -17.17
CA GLU C 106 7.00 7.88 -17.63
C GLU C 106 8.47 7.89 -17.22
N PRO C 107 9.23 8.98 -17.35
CA PRO C 107 10.62 8.94 -16.86
C PRO C 107 10.73 8.52 -15.40
N THR C 108 9.90 9.10 -14.53
CA THR C 108 9.99 8.77 -13.11
C THR C 108 9.49 7.34 -12.85
N ALA C 109 8.37 6.96 -13.45
CA ALA C 109 7.81 5.63 -13.22
C ALA C 109 8.76 4.52 -13.66
N ILE C 110 9.53 4.77 -14.72
CA ILE C 110 10.48 3.80 -15.25
C ILE C 110 11.80 3.87 -14.49
N VAL C 111 12.48 5.01 -14.60
CA VAL C 111 13.80 5.15 -13.98
C VAL C 111 13.69 5.00 -12.47
N GLY C 112 12.64 5.57 -11.87
CA GLY C 112 12.43 5.39 -10.44
C GLY C 112 12.18 3.95 -10.05
N GLY C 113 11.38 3.24 -10.84
CA GLY C 113 11.18 1.81 -10.59
C GLY C 113 12.48 1.02 -10.62
N ASP C 114 13.41 1.42 -11.48
CA ASP C 114 14.74 0.83 -11.50
C ASP C 114 15.50 1.14 -10.22
N GLY C 115 15.46 2.39 -9.76
CA GLY C 115 16.18 2.77 -8.56
C GLY C 115 15.81 1.94 -7.35
N LEU C 116 14.55 1.52 -7.25
CA LEU C 116 14.15 0.69 -6.11
C LEU C 116 14.71 -0.71 -6.22
N PHE C 117 14.93 -1.20 -7.44
CA PHE C 117 15.68 -2.45 -7.59
C PHE C 117 17.08 -2.30 -6.99
N PHE C 118 17.74 -1.18 -7.31
CA PHE C 118 19.02 -0.89 -6.68
C PHE C 118 18.84 -0.65 -5.18
N HIS C 119 17.76 0.04 -4.80
CA HIS C 119 17.47 0.24 -3.39
C HIS C 119 17.26 -1.10 -2.68
N GLY C 120 16.53 -2.02 -3.32
CA GLY C 120 16.25 -3.31 -2.70
C GLY C 120 17.50 -4.12 -2.43
N PHE C 121 18.37 -4.26 -3.43
CA PHE C 121 19.57 -5.08 -3.27
C PHE C 121 20.56 -4.46 -2.29
N ALA C 122 20.65 -3.12 -2.28
CA ALA C 122 21.52 -2.46 -1.30
C ALA C 122 21.03 -2.72 0.12
N ALA C 123 19.72 -2.63 0.34
CA ALA C 123 19.17 -2.86 1.67
C ALA C 123 19.31 -4.32 2.09
N LEU C 124 19.13 -5.25 1.15
CA LEU C 124 19.40 -6.65 1.46
C LEU C 124 20.86 -6.86 1.84
N SER C 125 21.78 -6.21 1.12
CA SER C 125 23.19 -6.26 1.49
C SER C 125 23.42 -5.64 2.86
N GLU C 126 22.60 -4.66 3.25
CA GLU C 126 22.71 -4.03 4.56
C GLU C 126 22.42 -4.97 5.72
N CYS C 127 21.71 -6.09 5.47
CA CYS C 127 21.25 -6.94 6.55
C CYS C 127 22.39 -7.60 7.33
N ARG C 128 23.62 -7.59 6.82
CA ARG C 128 24.74 -8.08 7.61
C ARG C 128 24.94 -7.24 8.86
N GLU C 129 24.76 -5.92 8.73
CA GLU C 129 24.89 -5.03 9.88
C GLU C 129 23.83 -5.31 10.92
N ALA C 130 22.69 -5.86 10.51
CA ALA C 130 21.72 -6.36 11.48
C ALA C 130 22.20 -7.61 12.20
N GLY C 131 23.18 -8.32 11.64
CA GLY C 131 23.74 -9.49 12.29
C GLY C 131 23.65 -10.74 11.44
N ALA C 132 23.30 -10.58 10.17
CA ALA C 132 23.11 -11.73 9.29
C ALA C 132 24.45 -12.29 8.83
N PRO C 133 24.58 -13.61 8.77
CA PRO C 133 25.80 -14.21 8.21
C PRO C 133 25.93 -13.88 6.73
N ALA C 134 27.15 -13.48 6.33
CA ALA C 134 27.37 -13.05 4.96
C ALA C 134 27.12 -14.18 3.97
N GLU C 135 27.27 -15.44 4.40
CA GLU C 135 27.06 -16.56 3.48
C GLU C 135 25.59 -16.68 3.10
N ARG C 136 24.67 -16.48 4.06
CA ARG C 136 23.26 -16.51 3.73
C ARG C 136 22.87 -15.34 2.84
N VAL C 137 23.41 -14.14 3.14
CA VAL C 137 23.12 -12.96 2.33
C VAL C 137 23.51 -13.18 0.87
N ALA C 138 24.68 -13.78 0.65
CA ALA C 138 25.11 -14.09 -0.71
C ALA C 138 24.13 -15.03 -1.40
N GLN C 139 23.65 -16.05 -0.68
CA GLN C 139 22.66 -16.95 -1.24
C GLN C 139 21.33 -16.25 -1.49
N ALA C 140 20.99 -15.26 -0.67
CA ALA C 140 19.77 -14.50 -0.89
C ALA C 140 19.83 -13.75 -2.23
N PHE C 141 21.00 -13.21 -2.58
CA PHE C 141 21.17 -12.54 -3.87
C PHE C 141 20.81 -13.46 -5.02
N THR C 142 21.31 -14.70 -4.99
CA THR C 142 21.02 -15.65 -6.07
C THR C 142 19.54 -16.02 -6.10
N VAL C 143 18.94 -16.25 -4.93
CA VAL C 143 17.51 -16.57 -4.88
C VAL C 143 16.70 -15.37 -5.36
N LEU C 144 17.00 -14.18 -4.84
CA LEU C 144 16.26 -12.98 -5.21
C LEU C 144 16.37 -12.70 -6.71
N SER C 145 17.58 -12.77 -7.25
CA SER C 145 17.79 -12.43 -8.65
C SER C 145 17.13 -13.47 -9.57
N ARG C 146 17.34 -14.75 -9.29
CA ARG C 146 16.80 -15.79 -10.16
C ARG C 146 15.28 -15.84 -10.14
N ALA C 147 14.66 -15.37 -9.05
CA ALA C 147 13.21 -15.29 -9.01
C ALA C 147 12.69 -14.25 -10.00
N GLY C 148 13.36 -13.10 -10.08
CA GLY C 148 12.98 -12.08 -11.05
C GLY C 148 13.14 -12.54 -12.48
N LEU C 149 14.14 -13.38 -12.75
CA LEU C 149 14.27 -13.97 -14.08
C LEU C 149 13.06 -14.84 -14.42
N ARG C 150 12.49 -15.52 -13.43
CA ARG C 150 11.29 -16.31 -13.66
C ARG C 150 10.08 -15.42 -13.91
N ILE C 151 9.99 -14.29 -13.17
CA ILE C 151 8.91 -13.34 -13.38
C ILE C 151 9.05 -12.66 -14.74
N GLY C 152 10.28 -12.27 -15.11
CA GLY C 152 10.47 -11.63 -16.40
C GLY C 152 10.03 -12.49 -17.55
N SER C 153 10.41 -13.77 -17.54
CA SER C 153 9.93 -14.69 -18.56
C SER C 153 8.42 -14.85 -18.51
N ALA C 154 7.83 -14.77 -17.31
CA ALA C 154 6.39 -14.91 -17.18
C ALA C 154 5.66 -13.68 -17.69
N ALA C 155 6.07 -12.49 -17.25
CA ALA C 155 5.47 -11.26 -17.74
C ALA C 155 5.57 -11.16 -19.27
N LEU C 156 6.67 -11.66 -19.83
CA LEU C 156 6.78 -11.74 -21.28
C LEU C 156 5.76 -12.71 -21.85
N ARG C 157 5.61 -13.89 -21.22
CA ARG C 157 4.62 -14.86 -21.69
C ARG C 157 3.21 -14.28 -21.70
N GLU C 158 2.89 -13.41 -20.74
CA GLU C 158 1.60 -12.73 -20.74
C GLU C 158 1.40 -11.95 -22.03
N ILE C 159 2.46 -11.29 -22.50
CA ILE C 159 2.39 -10.43 -23.67
C ILE C 159 2.07 -11.21 -24.93
N ARG C 160 2.62 -12.42 -25.06
CA ARG C 160 2.34 -13.22 -26.24
C ARG C 160 1.04 -14.01 -26.12
N MET C 161 0.40 -14.02 -24.94
CA MET C 161 -0.87 -14.71 -24.77
C MET C 161 -2.06 -13.85 -25.16
N SER C 162 -1.89 -12.53 -25.24
CA SER C 162 -3.01 -11.64 -25.57
C SER C 162 -3.54 -11.94 -26.96
N ARG C 163 -4.84 -11.73 -27.13
CA ARG C 163 -5.54 -11.82 -28.42
C ARG C 163 -5.60 -13.24 -28.96
N GLU C 164 -5.31 -14.24 -28.13
CA GLU C 164 -5.29 -15.62 -28.59
C GLU C 164 -5.71 -16.54 -27.46
N ILE C 165 -6.17 -17.73 -27.84
CA ILE C 165 -6.50 -18.78 -26.90
C ILE C 165 -5.23 -19.54 -26.57
N CYS C 166 -4.95 -19.70 -25.28
CA CYS C 166 -3.89 -20.59 -24.84
C CYS C 166 -4.51 -21.87 -24.29
N SER C 167 -3.68 -22.88 -24.11
CA SER C 167 -4.15 -24.06 -23.41
C SER C 167 -4.28 -23.76 -21.92
N VAL C 168 -5.12 -24.53 -21.23
CA VAL C 168 -5.29 -24.34 -19.80
C VAL C 168 -3.95 -24.51 -19.09
N GLN C 169 -3.14 -25.48 -19.51
CA GLN C 169 -1.85 -25.65 -18.84
C GLN C 169 -0.88 -24.52 -19.16
N ASP C 170 -0.82 -24.08 -20.42
CA ASP C 170 0.09 -22.97 -20.73
C ASP C 170 -0.22 -21.77 -19.84
N TYR C 171 -1.52 -21.52 -19.59
CA TYR C 171 -1.91 -20.47 -18.67
C TYR C 171 -1.43 -20.77 -17.24
N LEU C 172 -1.60 -22.01 -16.80
CA LEU C 172 -1.21 -22.36 -15.43
C LEU C 172 0.28 -22.25 -15.22
N ASP C 173 1.08 -22.69 -16.19
CA ASP C 173 2.53 -22.57 -16.07
C ASP C 173 2.96 -21.11 -16.01
N MET C 174 2.29 -20.25 -16.78
CA MET C 174 2.66 -18.84 -16.78
C MET C 174 2.43 -18.21 -15.41
N ILE C 175 1.23 -18.38 -14.85
CA ILE C 175 0.92 -17.69 -13.59
C ILE C 175 1.61 -18.35 -12.41
N ALA C 176 1.93 -19.64 -12.51
CA ALA C 176 2.71 -20.27 -11.46
C ALA C 176 4.09 -19.64 -11.36
N ASP C 177 4.63 -19.19 -12.48
CA ASP C 177 5.89 -18.46 -12.50
C ASP C 177 5.71 -16.96 -12.36
N LYS C 178 4.53 -16.44 -12.71
CA LYS C 178 4.27 -15.00 -12.60
C LYS C 178 4.15 -14.58 -11.14
N SER C 179 3.20 -15.17 -10.42
CA SER C 179 2.98 -14.82 -9.02
C SER C 179 3.61 -15.80 -8.05
N GLY C 180 3.72 -17.08 -8.44
CA GLY C 180 4.37 -18.04 -7.55
C GLY C 180 5.84 -17.73 -7.32
N ALA C 181 6.55 -17.37 -8.38
CA ALA C 181 7.95 -16.96 -8.21
C ALA C 181 8.05 -15.67 -7.39
N LEU C 182 7.09 -14.77 -7.59
CA LEU C 182 7.04 -13.55 -6.78
C LEU C 182 6.90 -13.91 -5.30
N LEU C 183 6.14 -14.97 -5.00
CA LEU C 183 6.03 -15.45 -3.62
C LEU C 183 7.27 -16.24 -3.23
N TRP C 184 7.84 -17.02 -4.15
CA TRP C 184 9.10 -17.69 -3.88
C TRP C 184 10.21 -16.68 -3.64
N MET C 185 10.13 -15.50 -4.27
CA MET C 185 11.02 -14.40 -3.93
C MET C 185 10.97 -14.10 -2.44
N ALA C 186 9.77 -14.09 -1.86
CA ALA C 186 9.61 -13.82 -0.45
C ALA C 186 9.93 -15.06 0.39
N CYS C 187 9.37 -16.21 0.01
CA CYS C 187 9.58 -17.44 0.77
C CYS C 187 11.03 -17.92 0.66
N GLY C 188 11.55 -18.00 -0.57
CA GLY C 188 12.90 -18.52 -0.75
C GLY C 188 13.95 -17.68 -0.06
N VAL C 189 13.80 -16.36 -0.10
CA VAL C 189 14.74 -15.47 0.59
C VAL C 189 14.62 -15.66 2.09
N GLY C 190 13.40 -15.58 2.63
CA GLY C 190 13.21 -15.75 4.07
C GLY C 190 13.76 -17.06 4.57
N GLY C 191 13.46 -18.15 3.86
CA GLY C 191 14.03 -19.45 4.23
C GLY C 191 15.54 -19.46 4.19
N THR C 192 16.12 -18.80 3.17
CA THR C 192 17.57 -18.75 3.05
C THR C 192 18.21 -18.05 4.24
N LEU C 193 17.70 -16.87 4.61
CA LEU C 193 18.23 -16.19 5.78
C LEU C 193 17.93 -16.96 7.05
N GLY C 194 16.85 -17.74 7.06
CA GLY C 194 16.55 -18.58 8.21
C GLY C 194 17.38 -19.85 8.31
N GLY C 195 18.08 -20.23 7.24
CA GLY C 195 18.91 -21.41 7.27
C GLY C 195 18.22 -22.71 6.90
N ALA C 196 17.21 -22.66 6.03
CA ALA C 196 16.44 -23.86 5.72
C ALA C 196 17.26 -24.86 4.91
N ASP C 197 17.02 -26.14 5.17
CA ASP C 197 17.60 -27.21 4.37
C ASP C 197 16.89 -27.30 3.01
N GLU C 198 17.38 -28.21 2.17
CA GLU C 198 16.76 -28.41 0.87
C GLU C 198 15.32 -28.88 0.99
N ALA C 199 15.04 -29.77 1.94
CA ALA C 199 13.69 -30.32 2.05
C ALA C 199 12.68 -29.24 2.41
N ALA C 200 13.05 -28.30 3.28
CA ALA C 200 12.19 -27.15 3.51
C ALA C 200 12.13 -26.26 2.28
N LEU C 201 13.30 -26.01 1.69
CA LEU C 201 13.43 -25.11 0.55
C LEU C 201 12.46 -25.48 -0.58
N LYS C 202 12.36 -26.77 -0.91
CA LYS C 202 11.42 -27.21 -1.94
C LYS C 202 9.98 -27.05 -1.47
N ALA C 203 9.72 -27.27 -0.19
CA ALA C 203 8.36 -27.12 0.35
C ALA C 203 7.86 -25.68 0.18
N LEU C 204 8.71 -24.71 0.51
CA LEU C 204 8.32 -23.31 0.35
C LEU C 204 8.12 -22.97 -1.12
N SER C 205 8.86 -23.63 -2.01
CA SER C 205 8.70 -23.38 -3.44
C SER C 205 7.32 -23.81 -3.93
N GLN C 206 6.94 -25.06 -3.64
CA GLN C 206 5.62 -25.53 -4.04
C GLN C 206 4.52 -24.72 -3.34
N TYR C 207 4.71 -24.42 -2.06
CA TYR C 207 3.75 -23.55 -1.37
C TYR C 207 3.62 -22.22 -2.08
N SER C 208 4.75 -21.63 -2.49
CA SER C 208 4.71 -20.36 -3.21
C SER C 208 4.00 -20.51 -4.55
N ASP C 209 4.29 -21.58 -5.29
CA ASP C 209 3.70 -21.76 -6.61
C ASP C 209 2.18 -21.94 -6.52
N GLN C 210 1.74 -22.99 -5.82
CA GLN C 210 0.31 -23.25 -5.69
C GLN C 210 -0.43 -22.04 -5.12
N LEU C 211 0.24 -21.26 -4.28
CA LEU C 211 -0.37 -20.05 -3.73
C LEU C 211 -0.55 -18.98 -4.79
N GLY C 212 0.46 -18.78 -5.63
CA GLY C 212 0.35 -17.77 -6.67
C GLY C 212 -0.73 -18.07 -7.69
N ILE C 213 -0.86 -19.35 -8.06
CA ILE C 213 -1.97 -19.75 -8.94
C ILE C 213 -3.31 -19.38 -8.31
N ALA C 214 -3.51 -19.76 -7.04
CA ALA C 214 -4.81 -19.59 -6.38
C ALA C 214 -5.26 -18.12 -6.40
N TYR C 215 -4.40 -17.22 -5.93
CA TYR C 215 -4.80 -15.82 -5.80
C TYR C 215 -4.96 -15.15 -7.16
N GLN C 216 -4.18 -15.57 -8.16
CA GLN C 216 -4.35 -15.03 -9.50
C GLN C 216 -5.68 -15.46 -10.12
N ILE C 217 -6.18 -16.65 -9.78
CA ILE C 217 -7.48 -17.07 -10.29
C ILE C 217 -8.60 -16.17 -9.76
N ARG C 218 -8.61 -15.91 -8.44
CA ARG C 218 -9.59 -14.98 -7.89
C ARG C 218 -9.50 -13.60 -8.54
N ALA C 219 -8.30 -13.18 -8.93
CA ALA C 219 -8.17 -11.92 -9.65
C ALA C 219 -8.93 -11.99 -10.98
N ASP C 220 -8.74 -13.10 -11.71
CA ASP C 220 -9.52 -13.31 -12.94
C ASP C 220 -11.02 -13.39 -12.65
N LEU C 221 -11.38 -13.89 -11.47
CA LEU C 221 -12.80 -14.05 -11.11
C LEU C 221 -13.46 -12.71 -10.78
N MET C 222 -12.70 -11.74 -10.28
CA MET C 222 -13.29 -10.49 -9.83
C MET C 222 -14.04 -9.76 -10.93
N ALA C 223 -13.51 -9.79 -12.16
CA ALA C 223 -14.22 -9.14 -13.26
C ALA C 223 -15.49 -9.90 -13.63
N TYR C 224 -15.45 -11.24 -13.55
CA TYR C 224 -16.57 -12.07 -13.96
C TYR C 224 -17.46 -12.47 -12.78
N ASP C 225 -17.51 -11.64 -11.74
CA ASP C 225 -18.39 -11.91 -10.62
C ASP C 225 -19.83 -11.55 -10.94
N GLY C 226 -20.05 -10.41 -11.61
CA GLY C 226 -21.38 -10.01 -12.00
C GLY C 226 -22.26 -9.53 -10.85
N ARG C 241 -6.79 -9.68 -22.59
CA ARG C 241 -5.93 -10.83 -22.39
C ARG C 241 -6.72 -11.99 -21.79
N PRO C 242 -6.43 -13.21 -22.20
CA PRO C 242 -7.20 -14.36 -21.73
C PRO C 242 -6.96 -14.61 -20.24
N THR C 243 -8.03 -14.97 -19.56
CA THR C 243 -8.00 -15.37 -18.16
C THR C 243 -8.69 -16.72 -18.03
N LEU C 244 -8.52 -17.34 -16.86
CA LEU C 244 -9.01 -18.70 -16.69
C LEU C 244 -10.51 -18.83 -16.96
N PRO C 245 -11.39 -17.98 -16.40
CA PRO C 245 -12.83 -18.09 -16.74
C PRO C 245 -13.11 -18.08 -18.24
N VAL C 246 -12.42 -17.22 -18.98
CA VAL C 246 -12.54 -17.22 -20.44
C VAL C 246 -12.09 -18.57 -21.00
N LEU C 247 -11.02 -19.13 -20.42
CA LEU C 247 -10.46 -20.39 -20.92
C LEU C 247 -11.38 -21.57 -20.68
N LEU C 248 -11.93 -21.73 -19.46
CA LEU C 248 -12.86 -22.84 -19.24
C LEU C 248 -14.18 -22.63 -19.97
N ALA C 249 -14.59 -21.38 -20.16
CA ALA C 249 -15.74 -21.13 -21.02
C ALA C 249 -15.46 -21.65 -22.42
N HIS C 250 -14.22 -21.52 -22.89
CA HIS C 250 -13.84 -22.08 -24.18
C HIS C 250 -13.90 -23.59 -24.16
N GLU C 251 -13.49 -24.21 -23.04
CA GLU C 251 -13.42 -25.67 -23.00
C GLU C 251 -14.79 -26.30 -23.24
N ARG C 252 -15.86 -25.67 -22.73
CA ARG C 252 -17.20 -26.22 -22.73
C ARG C 252 -18.02 -25.93 -23.99
N ALA C 253 -17.65 -24.92 -24.77
CA ALA C 253 -18.53 -24.40 -25.82
C ALA C 253 -18.47 -25.25 -27.09
N PRO C 254 -19.58 -25.33 -27.83
CA PRO C 254 -19.52 -25.94 -29.17
C PRO C 254 -18.74 -25.05 -30.13
N ARG C 255 -18.23 -25.70 -31.18
CA ARG C 255 -17.32 -25.06 -32.14
C ARG C 255 -17.83 -23.72 -32.63
N GLU C 256 -19.15 -23.61 -32.83
CA GLU C 256 -19.72 -22.36 -33.30
C GLU C 256 -19.41 -21.26 -32.28
N GLN C 257 -19.46 -21.57 -30.99
CA GLN C 257 -19.20 -20.59 -29.95
C GLN C 257 -17.72 -20.42 -29.60
N GLN C 258 -16.93 -21.46 -29.79
CA GLN C 258 -15.49 -21.35 -29.66
C GLN C 258 -14.90 -20.29 -30.60
N LEU C 259 -15.39 -20.21 -31.84
CA LEU C 259 -14.94 -19.16 -32.77
C LEU C 259 -15.21 -17.77 -32.21
N ARG C 260 -16.41 -17.55 -31.67
CA ARG C 260 -16.73 -16.26 -31.05
C ARG C 260 -15.75 -15.96 -29.92
N ILE C 261 -15.49 -16.93 -29.04
CA ILE C 261 -14.64 -16.70 -27.88
C ILE C 261 -13.31 -16.11 -28.32
N GLU C 262 -12.79 -16.59 -29.45
CA GLU C 262 -11.50 -16.13 -29.95
C GLU C 262 -11.58 -14.76 -30.60
N ARG C 263 -12.73 -14.42 -31.19
CA ARG C 263 -12.82 -13.14 -31.87
C ARG C 263 -12.75 -11.98 -30.87
N LEU C 264 -13.38 -12.13 -29.70
CA LEU C 264 -13.39 -11.03 -28.74
C LEU C 264 -11.99 -10.73 -28.20
N LEU C 265 -11.23 -11.76 -27.84
CA LEU C 265 -9.84 -11.51 -27.48
C LEU C 265 -9.10 -10.90 -28.66
N ALA C 266 -9.25 -11.51 -29.85
CA ALA C 266 -8.65 -10.94 -31.05
C ALA C 266 -9.26 -9.58 -31.41
N ASP C 267 -10.45 -9.28 -30.90
CA ASP C 267 -11.09 -8.00 -31.18
C ASP C 267 -10.35 -6.86 -30.49
N THR C 268 -9.95 -5.86 -31.28
CA THR C 268 -9.42 -4.61 -30.76
C THR C 268 -10.20 -3.41 -31.25
N ALA C 269 -11.05 -3.56 -32.27
CA ALA C 269 -11.81 -2.44 -32.80
C ALA C 269 -13.07 -2.16 -31.99
N ALA C 270 -13.68 -3.21 -31.43
CA ALA C 270 -14.86 -3.01 -30.62
C ALA C 270 -14.50 -2.34 -29.29
N PRO C 271 -15.40 -1.56 -28.71
CA PRO C 271 -15.11 -0.91 -27.43
C PRO C 271 -14.94 -1.94 -26.32
N ALA C 272 -14.05 -1.62 -25.38
CA ALA C 272 -13.73 -2.56 -24.31
C ALA C 272 -14.97 -2.90 -23.49
N ALA C 273 -15.84 -1.91 -23.26
CA ALA C 273 -17.10 -2.18 -22.56
C ALA C 273 -17.88 -3.28 -23.28
N GLU C 274 -18.09 -3.13 -24.59
CA GLU C 274 -18.82 -4.13 -25.36
C GLU C 274 -18.05 -5.44 -25.45
N ARG C 275 -16.71 -5.37 -25.53
CA ARG C 275 -15.93 -6.61 -25.57
C ARG C 275 -16.02 -7.36 -24.26
N TYR C 276 -16.13 -6.64 -23.14
CA TYR C 276 -16.45 -7.28 -21.86
C TYR C 276 -17.83 -7.92 -21.92
N LYS C 277 -18.86 -7.12 -22.21
CA LYS C 277 -20.23 -7.56 -21.96
C LYS C 277 -20.60 -8.76 -22.82
N ALA C 278 -20.04 -8.88 -24.02
CA ALA C 278 -20.23 -10.11 -24.77
C ALA C 278 -19.58 -11.28 -24.05
N MET C 279 -18.27 -11.20 -23.80
CA MET C 279 -17.57 -12.25 -23.08
C MET C 279 -18.26 -12.59 -21.77
N ALA C 280 -18.79 -11.58 -21.07
CA ALA C 280 -19.46 -11.83 -19.80
C ALA C 280 -20.62 -12.80 -19.97
N ASP C 281 -21.39 -12.68 -21.05
CA ASP C 281 -22.43 -13.68 -21.32
C ASP C 281 -21.80 -15.04 -21.58
N LEU C 282 -20.67 -15.08 -22.28
CA LEU C 282 -20.08 -16.37 -22.61
C LEU C 282 -19.44 -17.04 -21.39
N VAL C 283 -18.91 -16.25 -20.44
CA VAL C 283 -18.48 -16.87 -19.19
C VAL C 283 -19.71 -17.36 -18.42
N GLY C 284 -20.80 -16.58 -18.47
CA GLY C 284 -22.02 -17.00 -17.79
C GLY C 284 -22.75 -18.12 -18.50
N ALA C 285 -22.77 -18.08 -19.84
CA ALA C 285 -23.44 -19.13 -20.60
C ALA C 285 -22.77 -20.49 -20.39
N TYR C 286 -21.50 -20.50 -20.00
CA TYR C 286 -20.79 -21.74 -19.73
C TYR C 286 -20.15 -21.73 -18.36
N ASP C 287 -20.67 -20.92 -17.44
CA ASP C 287 -20.36 -21.05 -16.01
C ASP C 287 -18.85 -20.93 -15.78
N GLY C 288 -18.24 -19.92 -16.43
CA GLY C 288 -16.81 -19.73 -16.29
C GLY C 288 -16.39 -19.49 -14.85
N ALA C 289 -17.09 -18.60 -14.15
CA ALA C 289 -16.66 -18.14 -12.84
C ALA C 289 -16.58 -19.30 -11.84
N GLN C 290 -17.68 -20.03 -11.66
CA GLN C 290 -17.66 -21.17 -10.76
C GLN C 290 -16.59 -22.18 -11.16
N ALA C 291 -16.46 -22.42 -12.47
CA ALA C 291 -15.48 -23.39 -12.95
C ALA C 291 -14.07 -23.01 -12.52
N ALA C 292 -13.75 -21.71 -12.55
CA ALA C 292 -12.41 -21.30 -12.15
C ALA C 292 -12.25 -21.34 -10.63
N ARG C 293 -13.35 -21.16 -9.88
CA ARG C 293 -13.27 -21.20 -8.42
C ARG C 293 -12.82 -22.59 -7.95
N GLU C 294 -13.47 -23.63 -8.46
CA GLU C 294 -13.16 -24.98 -8.02
C GLU C 294 -11.70 -25.34 -8.35
N VAL C 295 -11.20 -24.88 -9.50
CA VAL C 295 -9.80 -25.10 -9.84
C VAL C 295 -8.87 -24.43 -8.84
N SER C 296 -9.17 -23.17 -8.49
CA SER C 296 -8.30 -22.45 -7.55
C SER C 296 -8.16 -23.21 -6.24
N HIS C 297 -9.29 -23.64 -5.65
CA HIS C 297 -9.26 -24.28 -4.35
C HIS C 297 -8.55 -25.62 -4.36
N ARG C 298 -8.52 -26.30 -5.50
CA ARG C 298 -7.70 -27.51 -5.60
C ARG C 298 -6.23 -27.17 -5.44
N HIS C 299 -5.78 -26.07 -6.06
CA HIS C 299 -4.40 -25.63 -5.86
C HIS C 299 -4.19 -25.07 -4.46
N VAL C 300 -5.23 -24.43 -3.89
CA VAL C 300 -5.19 -23.99 -2.50
C VAL C 300 -4.83 -25.16 -1.58
N GLN C 301 -5.47 -26.31 -1.79
CA GLN C 301 -5.17 -27.48 -0.97
C GLN C 301 -3.75 -27.98 -1.21
N LEU C 302 -3.30 -27.91 -2.46
CA LEU C 302 -1.94 -28.32 -2.77
C LEU C 302 -0.91 -27.47 -2.04
N ALA C 303 -1.19 -26.17 -1.91
CA ALA C 303 -0.29 -25.28 -1.16
C ALA C 303 -0.25 -25.65 0.31
N THR C 304 -1.40 -26.00 0.90
CA THR C 304 -1.43 -26.35 2.31
C THR C 304 -0.69 -27.66 2.56
N ARG C 305 -0.80 -28.62 1.64
CA ARG C 305 -0.07 -29.86 1.78
C ARG C 305 1.44 -29.65 1.67
N ALA C 306 1.87 -28.74 0.78
CA ALA C 306 3.29 -28.44 0.68
C ALA C 306 3.85 -27.93 2.00
N LEU C 307 3.03 -27.20 2.78
CA LEU C 307 3.45 -26.70 4.08
C LEU C 307 3.66 -27.82 5.09
N GLN C 308 3.12 -29.01 4.84
CA GLN C 308 3.22 -30.10 5.80
C GLN C 308 4.66 -30.54 6.06
N THR C 309 5.60 -30.14 5.18
CA THR C 309 7.01 -30.48 5.40
C THR C 309 7.61 -29.73 6.59
N LEU C 310 7.23 -28.47 6.79
CA LEU C 310 7.83 -27.68 7.85
C LEU C 310 7.38 -28.17 9.22
N PRO C 311 8.15 -27.87 10.27
CA PRO C 311 7.71 -28.25 11.62
C PRO C 311 6.55 -27.39 12.08
N PRO C 312 5.68 -27.91 12.93
CA PRO C 312 4.55 -27.10 13.40
C PRO C 312 5.00 -25.93 14.23
N SER C 313 4.33 -24.80 14.04
CA SER C 313 4.64 -23.55 14.72
C SER C 313 3.53 -22.56 14.40
N PRO C 314 3.40 -21.48 15.19
CA PRO C 314 2.47 -20.41 14.80
C PRO C 314 2.82 -19.77 13.47
N HIS C 315 4.11 -19.72 13.11
CA HIS C 315 4.50 -19.16 11.82
C HIS C 315 3.98 -19.99 10.67
N ARG C 316 4.10 -21.32 10.76
CA ARG C 316 3.57 -22.18 9.72
C ARG C 316 2.04 -22.08 9.67
N ASP C 317 1.40 -21.98 10.83
CA ASP C 317 -0.04 -21.73 10.85
C ASP C 317 -0.37 -20.42 10.17
N ALA C 318 0.48 -19.39 10.39
CA ALA C 318 0.26 -18.11 9.73
C ALA C 318 0.35 -18.26 8.21
N LEU C 319 1.27 -19.10 7.74
CA LEU C 319 1.31 -19.39 6.31
C LEU C 319 0.07 -20.18 5.91
N GLU C 320 -0.39 -21.08 6.79
CA GLU C 320 -1.66 -21.76 6.57
C GLU C 320 -2.82 -20.79 6.78
N ASP C 321 -2.61 -19.72 7.53
CA ASP C 321 -3.63 -18.71 7.66
C ASP C 321 -3.66 -17.77 6.46
N LEU C 322 -2.52 -17.57 5.79
CA LEU C 322 -2.60 -16.65 4.66
C LEU C 322 -3.32 -17.23 3.47
N THR C 323 -3.55 -18.55 3.44
CA THR C 323 -4.32 -19.15 2.36
C THR C 323 -5.83 -19.02 2.58
N VAL C 324 -6.27 -18.93 3.85
CA VAL C 324 -7.70 -18.69 4.12
C VAL C 324 -8.06 -17.39 3.42
N PRO C 325 -9.05 -17.43 2.55
CA PRO C 325 -9.51 -16.21 1.89
C PRO C 325 -10.06 -15.24 2.93
N GLY C 326 -9.46 -14.05 2.96
CA GLY C 326 -9.87 -13.06 3.93
C GLY C 326 -10.14 -11.74 3.23
N ARG C 327 -9.40 -10.70 3.61
CA ARG C 327 -9.47 -9.43 2.90
C ARG C 327 -8.06 -8.90 2.68
N LEU C 328 -7.39 -8.50 3.76
CA LEU C 328 -6.13 -7.77 3.69
C LEU C 328 -6.31 -6.54 2.80
N VAL C 329 -5.58 -6.46 1.69
CA VAL C 329 -5.89 -5.44 0.70
C VAL C 329 -7.28 -5.70 0.13
N LEU C 330 -8.15 -4.68 0.21
CA LEU C 330 -9.54 -4.80 -0.24
C LEU C 330 -10.27 -5.91 0.51
N TYR D 39 20.11 8.72 1.92
CA TYR D 39 20.76 7.42 1.81
C TYR D 39 20.74 6.67 3.15
N GLY D 40 21.92 6.30 3.63
CA GLY D 40 21.99 5.47 4.84
C GLY D 40 21.22 4.19 4.61
N LEU D 41 20.20 3.97 5.45
CA LEU D 41 19.19 2.97 5.14
C LEU D 41 18.37 3.48 3.96
N VAL D 42 18.48 2.83 2.82
CA VAL D 42 17.96 3.32 1.55
C VAL D 42 16.47 3.66 1.67
N PRO D 43 16.01 4.74 1.04
CA PRO D 43 14.57 5.05 1.09
C PRO D 43 13.75 3.96 0.42
N PHE D 44 12.70 3.52 1.11
CA PHE D 44 11.85 2.43 0.63
C PHE D 44 10.48 2.89 0.18
N GLY D 45 9.97 3.99 0.72
CA GLY D 45 8.63 4.44 0.41
C GLY D 45 7.59 3.81 1.32
N LYS D 46 6.42 4.43 1.34
CA LYS D 46 5.25 3.90 2.05
C LYS D 46 5.52 3.77 3.55
N MET D 47 5.65 4.92 4.23
CA MET D 47 5.89 4.96 5.68
C MET D 47 4.63 4.61 6.46
N MET D 48 4.55 3.36 6.86
CA MET D 48 3.34 2.87 7.47
C MET D 48 3.66 2.23 8.81
N GLY D 49 2.60 2.02 9.59
CA GLY D 49 2.66 1.45 10.91
C GLY D 49 3.33 0.12 11.07
N PRO D 50 3.10 -0.87 10.16
CA PRO D 50 3.71 -2.20 10.33
C PRO D 50 5.20 -2.19 10.71
N TRP D 51 5.99 -1.27 10.16
CA TRP D 51 7.37 -1.19 10.61
C TRP D 51 7.52 -0.36 11.88
N LEU D 52 6.74 0.72 12.02
CA LEU D 52 6.73 1.46 13.28
C LEU D 52 6.20 0.61 14.43
N LEU D 53 5.13 -0.15 14.19
CA LEU D 53 4.54 -0.93 15.27
C LEU D 53 5.50 -1.99 15.79
N ILE D 54 6.07 -2.79 14.89
CA ILE D 54 6.95 -3.87 15.31
C ILE D 54 8.23 -3.34 15.92
N ARG D 55 8.82 -2.30 15.33
CA ARG D 55 10.01 -1.69 15.93
C ARG D 55 9.70 -1.10 17.30
N SER D 56 8.52 -0.50 17.44
CA SER D 56 8.14 0.03 18.75
C SER D 56 7.95 -1.09 19.77
N ALA D 57 7.35 -2.21 19.34
CA ALA D 57 7.14 -3.32 20.26
C ALA D 57 8.47 -3.92 20.71
N LEU D 58 9.40 -4.13 19.79
CA LEU D 58 10.66 -4.79 20.12
C LEU D 58 11.63 -3.86 20.84
N ALA D 59 11.58 -2.56 20.56
CA ALA D 59 12.51 -1.64 21.22
C ALA D 59 12.29 -1.58 22.72
N VAL D 60 11.06 -1.85 23.17
CA VAL D 60 10.75 -1.88 24.60
C VAL D 60 10.80 -3.28 25.16
N GLY D 61 11.19 -4.27 24.37
CA GLY D 61 11.34 -5.63 24.84
C GLY D 61 10.20 -6.57 24.51
N GLY D 62 9.33 -6.21 23.57
CA GLY D 62 8.19 -7.04 23.26
C GLY D 62 8.59 -8.30 22.52
N ASP D 63 7.59 -9.13 22.25
CA ASP D 63 7.77 -10.40 21.56
C ASP D 63 7.22 -10.27 20.14
N ILE D 64 7.93 -10.88 19.18
CA ILE D 64 7.54 -10.78 17.78
C ILE D 64 6.22 -11.50 17.53
N ALA D 65 5.91 -12.54 18.31
CA ALA D 65 4.71 -13.33 18.07
C ALA D 65 3.44 -12.51 18.21
N THR D 66 3.48 -11.41 18.96
CA THR D 66 2.31 -10.56 19.12
C THR D 66 2.28 -9.41 18.12
N ALA D 67 3.45 -8.87 17.77
CA ALA D 67 3.50 -7.71 16.87
C ALA D 67 3.03 -8.04 15.46
N LEU D 68 3.22 -9.29 15.02
CA LEU D 68 2.79 -9.64 13.65
C LEU D 68 1.27 -9.63 13.51
N PRO D 69 0.49 -10.33 14.35
CA PRO D 69 -0.97 -10.18 14.23
C PRO D 69 -1.44 -8.78 14.60
N ALA D 70 -0.70 -8.07 15.45
CA ALA D 70 -1.04 -6.68 15.75
C ALA D 70 -0.86 -5.80 14.52
N ALA D 71 0.21 -6.02 13.76
CA ALA D 71 0.43 -5.26 12.52
C ALA D 71 -0.73 -5.47 11.55
N VAL D 72 -1.25 -6.70 11.47
CA VAL D 72 -2.43 -6.95 10.65
C VAL D 72 -3.62 -6.17 11.18
N ALA D 73 -3.78 -6.13 12.51
CA ALA D 73 -4.85 -5.33 13.10
C ALA D 73 -4.69 -3.86 12.77
N LEU D 74 -3.47 -3.35 12.84
CA LEU D 74 -3.23 -1.93 12.52
C LEU D 74 -3.44 -1.67 11.04
N GLU D 75 -3.09 -2.64 10.21
CA GLU D 75 -3.29 -2.55 8.77
C GLU D 75 -4.74 -2.20 8.45
N CYS D 76 -5.66 -2.91 9.10
CA CYS D 76 -7.08 -2.72 8.84
C CYS D 76 -7.53 -1.31 9.17
N VAL D 77 -7.19 -0.83 10.37
CA VAL D 77 -7.61 0.50 10.80
C VAL D 77 -7.02 1.58 9.92
N GLN D 78 -5.75 1.43 9.52
CA GLN D 78 -5.11 2.44 8.70
C GLN D 78 -5.70 2.48 7.29
N VAL D 79 -6.01 1.31 6.72
CA VAL D 79 -6.64 1.28 5.41
C VAL D 79 -8.02 1.92 5.47
N GLY D 80 -8.83 1.52 6.46
CA GLY D 80 -10.14 2.13 6.61
C GLY D 80 -10.07 3.64 6.73
N ALA D 81 -9.04 4.14 7.42
CA ALA D 81 -8.82 5.58 7.48
C ALA D 81 -8.51 6.13 6.09
N MET D 82 -7.79 5.36 5.27
CA MET D 82 -7.48 5.81 3.90
C MET D 82 -8.74 5.91 3.07
N MET D 83 -9.56 4.84 3.08
CA MET D 83 -10.78 4.82 2.27
C MET D 83 -11.68 6.00 2.59
N HIS D 84 -11.71 6.44 3.86
CA HIS D 84 -12.51 7.61 4.22
C HIS D 84 -11.81 8.90 3.79
N ASP D 85 -10.49 8.95 3.90
CA ASP D 85 -9.75 10.11 3.43
C ASP D 85 -9.94 10.34 1.94
N ASP D 86 -10.11 9.27 1.16
CA ASP D 86 -10.30 9.42 -0.28
C ASP D 86 -11.65 10.06 -0.60
N ILE D 87 -12.65 9.86 0.25
CA ILE D 87 -13.96 10.46 -0.01
C ILE D 87 -13.93 11.96 0.26
N ILE D 88 -13.31 12.37 1.37
CA ILE D 88 -13.38 13.77 1.77
C ILE D 88 -12.61 14.65 0.80
N ASP D 89 -11.47 14.15 0.30
CA ASP D 89 -10.78 14.80 -0.82
C ASP D 89 -11.35 14.17 -2.08
N CYS D 90 -12.37 14.81 -2.65
CA CYS D 90 -13.10 14.24 -3.78
C CYS D 90 -12.22 14.09 -5.02
N PHE D 104 -13.40 2.62 -4.44
CA PHE D 104 -13.80 3.56 -5.48
C PHE D 104 -15.29 3.86 -5.40
N GLY D 105 -16.07 2.86 -5.01
CA GLY D 105 -17.52 3.01 -4.92
C GLY D 105 -17.88 3.57 -3.55
N GLU D 106 -18.83 4.50 -3.53
CA GLU D 106 -19.17 5.19 -2.29
C GLU D 106 -19.60 4.26 -1.16
N PRO D 107 -20.52 3.30 -1.37
CA PRO D 107 -20.86 2.41 -0.24
C PRO D 107 -19.67 1.64 0.31
N THR D 108 -18.85 1.04 -0.55
CA THR D 108 -17.72 0.24 -0.07
C THR D 108 -16.65 1.13 0.57
N ALA D 109 -16.35 2.26 -0.07
CA ALA D 109 -15.33 3.15 0.49
C ALA D 109 -15.71 3.60 1.90
N ILE D 110 -17.00 3.76 2.17
CA ILE D 110 -17.40 4.10 3.53
C ILE D 110 -17.54 2.80 4.32
N VAL D 111 -18.53 1.96 3.99
CA VAL D 111 -18.83 0.79 4.83
C VAL D 111 -17.60 -0.10 4.96
N GLY D 112 -16.86 -0.31 3.88
CA GLY D 112 -15.63 -1.08 3.99
C GLY D 112 -14.63 -0.41 4.91
N GLY D 113 -14.49 0.92 4.79
CA GLY D 113 -13.68 1.65 5.74
C GLY D 113 -14.18 1.51 7.16
N ASP D 114 -15.51 1.42 7.33
CA ASP D 114 -16.06 1.19 8.66
C ASP D 114 -15.72 -0.21 9.16
N GLY D 115 -15.99 -1.23 8.34
CA GLY D 115 -15.73 -2.60 8.74
C GLY D 115 -14.29 -2.87 9.06
N LEU D 116 -13.37 -2.16 8.40
CA LEU D 116 -11.95 -2.40 8.62
C LEU D 116 -11.51 -1.94 10.00
N PHE D 117 -12.19 -0.93 10.56
CA PHE D 117 -11.97 -0.57 11.95
C PHE D 117 -12.30 -1.74 12.88
N PHE D 118 -13.40 -2.45 12.60
CA PHE D 118 -13.76 -3.61 13.41
C PHE D 118 -12.71 -4.72 13.31
N HIS D 119 -12.18 -4.95 12.11
CA HIS D 119 -11.11 -5.95 11.96
C HIS D 119 -9.91 -5.59 12.83
N GLY D 120 -9.53 -4.32 12.86
CA GLY D 120 -8.39 -3.93 13.65
C GLY D 120 -8.57 -4.24 15.13
N PHE D 121 -9.70 -3.82 15.70
CA PHE D 121 -9.93 -4.05 17.12
C PHE D 121 -10.16 -5.53 17.41
N ALA D 122 -10.84 -6.25 16.51
CA ALA D 122 -11.04 -7.68 16.71
C ALA D 122 -9.72 -8.43 16.67
N ALA D 123 -8.86 -8.11 15.70
CA ALA D 123 -7.58 -8.78 15.58
C ALA D 123 -6.65 -8.39 16.72
N LEU D 124 -6.70 -7.12 17.16
CA LEU D 124 -5.89 -6.69 18.29
C LEU D 124 -6.23 -7.48 19.55
N SER D 125 -7.51 -7.63 19.86
CA SER D 125 -7.91 -8.48 20.98
C SER D 125 -7.54 -9.93 20.75
N GLU D 126 -7.56 -10.37 19.48
CA GLU D 126 -7.24 -11.74 19.15
C GLU D 126 -5.80 -12.08 19.50
N CYS D 127 -4.94 -11.06 19.63
CA CYS D 127 -3.53 -11.26 19.90
C CYS D 127 -3.28 -11.91 21.25
N ARG D 128 -4.29 -11.94 22.13
CA ARG D 128 -4.13 -12.63 23.41
C ARG D 128 -3.89 -14.12 23.21
N GLU D 129 -4.59 -14.73 22.25
CA GLU D 129 -4.32 -16.13 21.93
C GLU D 129 -2.93 -16.32 21.32
N ALA D 130 -2.36 -15.27 20.71
CA ALA D 130 -0.97 -15.32 20.28
C ALA D 130 -0.01 -15.30 21.47
N GLY D 131 -0.49 -14.88 22.64
CA GLY D 131 0.32 -14.90 23.85
C GLY D 131 0.42 -13.55 24.52
N ALA D 132 -0.37 -12.58 24.08
CA ALA D 132 -0.29 -11.23 24.62
C ALA D 132 -0.99 -11.16 25.96
N PRO D 133 -0.42 -10.45 26.93
CA PRO D 133 -1.11 -10.23 28.21
C PRO D 133 -2.37 -9.40 28.03
N ALA D 134 -3.47 -9.86 28.64
CA ALA D 134 -4.75 -9.20 28.45
C ALA D 134 -4.75 -7.77 29.00
N GLU D 135 -3.93 -7.48 30.00
CA GLU D 135 -3.89 -6.13 30.56
C GLU D 135 -3.28 -5.15 29.57
N ARG D 136 -2.22 -5.56 28.86
CA ARG D 136 -1.62 -4.70 27.86
C ARG D 136 -2.56 -4.48 26.68
N VAL D 137 -3.24 -5.55 26.26
CA VAL D 137 -4.19 -5.44 25.15
C VAL D 137 -5.29 -4.44 25.47
N ALA D 138 -5.78 -4.46 26.71
CA ALA D 138 -6.81 -3.50 27.12
C ALA D 138 -6.32 -2.06 26.98
N GLN D 139 -5.08 -1.79 27.39
CA GLN D 139 -4.52 -0.45 27.24
C GLN D 139 -4.33 -0.09 25.77
N ALA D 140 -4.05 -1.09 24.91
CA ALA D 140 -3.95 -0.81 23.48
C ALA D 140 -5.27 -0.29 22.92
N PHE D 141 -6.39 -0.83 23.42
CA PHE D 141 -7.70 -0.33 23.00
C PHE D 141 -7.84 1.15 23.29
N THR D 142 -7.43 1.58 24.49
CA THR D 142 -7.54 2.98 24.87
C THR D 142 -6.62 3.85 24.02
N VAL D 143 -5.39 3.38 23.78
CA VAL D 143 -4.45 4.15 22.94
C VAL D 143 -4.97 4.25 21.52
N LEU D 144 -5.37 3.11 20.94
CA LEU D 144 -5.86 3.10 19.57
C LEU D 144 -7.09 3.98 19.41
N SER D 145 -8.02 3.91 20.37
CA SER D 145 -9.27 4.66 20.26
C SER D 145 -9.03 6.16 20.27
N ARG D 146 -8.19 6.64 21.19
CA ARG D 146 -7.94 8.07 21.27
C ARG D 146 -7.20 8.61 20.05
N ALA D 147 -6.43 7.76 19.38
CA ALA D 147 -5.76 8.19 18.16
C ALA D 147 -6.76 8.46 17.04
N GLY D 148 -7.74 7.57 16.86
CA GLY D 148 -8.76 7.80 15.85
C GLY D 148 -9.62 9.01 16.15
N LEU D 149 -9.85 9.31 17.43
CA LEU D 149 -10.55 10.53 17.79
C LEU D 149 -9.76 11.76 17.36
N ARG D 150 -8.44 11.69 17.42
CA ARG D 150 -7.62 12.81 16.96
C ARG D 150 -7.66 12.93 15.44
N ILE D 151 -7.70 11.79 14.73
CA ILE D 151 -7.79 11.83 13.27
C ILE D 151 -9.13 12.42 12.85
N GLY D 152 -10.22 12.01 13.49
CA GLY D 152 -11.51 12.59 13.19
C GLY D 152 -11.56 14.08 13.49
N SER D 153 -11.06 14.47 14.66
CA SER D 153 -11.04 15.89 15.02
C SER D 153 -10.20 16.70 14.05
N ALA D 154 -9.13 16.11 13.50
CA ALA D 154 -8.29 16.84 12.56
C ALA D 154 -8.98 17.00 11.21
N ALA D 155 -9.53 15.90 10.67
CA ALA D 155 -10.25 15.96 9.41
C ALA D 155 -11.40 16.98 9.44
N LEU D 156 -12.03 17.15 10.60
CA LEU D 156 -13.05 18.19 10.74
C LEU D 156 -12.43 19.57 10.58
N ARG D 157 -11.30 19.81 11.24
CA ARG D 157 -10.60 21.10 11.11
C ARG D 157 -10.18 21.35 9.67
N GLU D 158 -9.76 20.30 8.97
CA GLU D 158 -9.38 20.47 7.56
C GLU D 158 -10.52 21.05 6.74
N ILE D 159 -11.73 20.56 6.93
CA ILE D 159 -12.85 21.06 6.13
C ILE D 159 -13.21 22.47 6.56
N ARG D 160 -13.16 22.74 7.88
CA ARG D 160 -13.55 24.04 8.41
C ARG D 160 -12.44 25.08 8.36
N MET D 161 -11.19 24.68 8.15
CA MET D 161 -10.10 25.65 8.04
C MET D 161 -9.83 26.10 6.61
N SER D 162 -10.35 25.39 5.61
CA SER D 162 -10.03 25.71 4.23
C SER D 162 -10.43 27.14 3.87
N ARG D 163 -9.72 27.69 2.89
CA ARG D 163 -9.93 28.99 2.25
C ARG D 163 -9.52 30.19 3.09
N GLU D 164 -8.80 30.00 4.20
CA GLU D 164 -8.45 31.11 5.08
C GLU D 164 -7.10 30.83 5.75
N ILE D 165 -6.49 31.90 6.25
CA ILE D 165 -5.25 31.80 7.04
C ILE D 165 -5.58 31.41 8.47
N CYS D 166 -4.93 30.37 8.96
CA CYS D 166 -4.93 30.01 10.37
C CYS D 166 -3.60 30.40 11.00
N SER D 167 -3.54 30.33 12.32
CA SER D 167 -2.29 30.56 13.01
C SER D 167 -1.32 29.41 12.74
N VAL D 168 -0.03 29.71 12.86
CA VAL D 168 1.01 28.69 12.65
C VAL D 168 0.83 27.55 13.65
N GLN D 169 0.45 27.88 14.88
CA GLN D 169 0.28 26.89 15.94
C GLN D 169 -0.90 25.98 15.63
N ASP D 170 -2.02 26.57 15.20
CA ASP D 170 -3.23 25.81 14.88
C ASP D 170 -2.98 24.79 13.77
N TYR D 171 -2.24 25.18 12.73
CA TYR D 171 -1.93 24.23 11.66
C TYR D 171 -1.08 23.09 12.19
N LEU D 172 -0.11 23.39 13.04
CA LEU D 172 0.76 22.35 13.58
C LEU D 172 -0.02 21.37 14.45
N ASP D 173 -0.95 21.88 15.27
CA ASP D 173 -1.79 21.01 16.08
C ASP D 173 -2.69 20.14 15.21
N MET D 174 -3.20 20.70 14.11
CA MET D 174 -4.08 19.95 13.23
C MET D 174 -3.38 18.74 12.63
N ILE D 175 -2.18 18.96 12.07
CA ILE D 175 -1.48 17.87 11.41
C ILE D 175 -0.88 16.91 12.43
N ALA D 176 -0.59 17.38 13.65
CA ALA D 176 -0.17 16.48 14.72
C ALA D 176 -1.25 15.45 15.05
N ASP D 177 -2.51 15.83 14.91
CA ASP D 177 -3.61 14.88 15.10
C ASP D 177 -3.99 14.17 13.80
N LYS D 178 -3.76 14.81 12.65
CA LYS D 178 -4.10 14.18 11.38
C LYS D 178 -3.09 13.09 11.02
N SER D 179 -1.82 13.47 10.87
CA SER D 179 -0.77 12.54 10.49
C SER D 179 0.08 12.06 11.66
N GLY D 180 0.25 12.89 12.69
CA GLY D 180 1.00 12.45 13.86
C GLY D 180 0.31 11.32 14.60
N ALA D 181 -1.02 11.43 14.76
CA ALA D 181 -1.77 10.34 15.40
C ALA D 181 -1.70 9.06 14.58
N LEU D 182 -1.69 9.19 13.25
CA LEU D 182 -1.56 8.02 12.39
C LEU D 182 -0.30 7.23 12.72
N LEU D 183 0.79 7.93 13.05
CA LEU D 183 2.00 7.24 13.48
C LEU D 183 1.90 6.78 14.93
N TRP D 184 1.26 7.58 15.78
CA TRP D 184 1.04 7.18 17.17
C TRP D 184 0.17 5.93 17.26
N MET D 185 -0.71 5.74 16.28
CA MET D 185 -1.45 4.49 16.15
C MET D 185 -0.51 3.29 16.13
N ALA D 186 0.62 3.42 15.42
CA ALA D 186 1.60 2.35 15.37
C ALA D 186 2.46 2.30 16.63
N CYS D 187 2.96 3.46 17.07
CA CYS D 187 3.84 3.48 18.24
C CYS D 187 3.08 3.11 19.51
N GLY D 188 1.93 3.74 19.73
CA GLY D 188 1.20 3.51 20.96
C GLY D 188 0.74 2.07 21.12
N VAL D 189 0.22 1.48 20.05
CA VAL D 189 -0.21 0.09 20.11
C VAL D 189 0.99 -0.84 20.25
N GLY D 190 1.98 -0.69 19.35
CA GLY D 190 3.15 -1.54 19.41
C GLY D 190 3.89 -1.46 20.73
N GLY D 191 4.14 -0.24 21.20
CA GLY D 191 4.79 -0.06 22.48
C GLY D 191 3.98 -0.64 23.63
N THR D 192 2.66 -0.42 23.61
CA THR D 192 1.81 -0.92 24.69
C THR D 192 1.84 -2.45 24.72
N LEU D 193 1.65 -3.10 23.57
CA LEU D 193 1.73 -4.55 23.52
C LEU D 193 3.13 -5.06 23.79
N GLY D 194 4.14 -4.23 23.51
CA GLY D 194 5.52 -4.59 23.81
C GLY D 194 5.90 -4.50 25.26
N GLY D 195 5.05 -3.88 26.10
CA GLY D 195 5.35 -3.74 27.50
C GLY D 195 6.07 -2.47 27.84
N ALA D 196 5.84 -1.40 27.10
CA ALA D 196 6.57 -0.15 27.30
C ALA D 196 6.19 0.50 28.63
N ASP D 197 7.16 1.17 29.23
CA ASP D 197 6.88 1.97 30.42
C ASP D 197 6.05 3.18 30.04
N GLU D 198 5.52 3.86 31.06
CA GLU D 198 4.74 5.06 30.78
C GLU D 198 5.63 6.14 30.16
N ALA D 199 6.87 6.24 30.66
CA ALA D 199 7.82 7.21 30.10
C ALA D 199 8.20 6.86 28.66
N ALA D 200 8.33 5.56 28.36
CA ALA D 200 8.57 5.13 26.99
C ALA D 200 7.38 5.42 26.09
N LEU D 201 6.18 5.02 26.53
CA LEU D 201 4.98 5.33 25.76
C LEU D 201 4.90 6.83 25.45
N LYS D 202 5.17 7.66 26.44
CA LYS D 202 5.17 9.07 26.13
C LYS D 202 6.29 9.39 25.15
N ALA D 203 7.42 8.72 25.30
CA ALA D 203 8.55 8.95 24.39
C ALA D 203 8.21 8.61 22.94
N LEU D 204 7.47 7.52 22.74
CA LEU D 204 6.97 7.25 21.41
C LEU D 204 5.92 8.29 21.00
N SER D 205 5.23 8.90 21.97
CA SER D 205 4.22 9.90 21.65
C SER D 205 4.82 11.15 20.99
N GLN D 206 5.83 11.79 21.61
CA GLN D 206 6.43 12.94 20.92
C GLN D 206 7.13 12.48 19.63
N TYR D 207 7.77 11.30 19.64
CA TYR D 207 8.35 10.77 18.40
C TYR D 207 7.29 10.62 17.31
N SER D 208 6.12 10.08 17.66
CA SER D 208 5.05 9.90 16.68
C SER D 208 4.57 11.24 16.12
N ASP D 209 4.32 12.21 17.01
CA ASP D 209 3.83 13.51 16.57
C ASP D 209 4.88 14.24 15.75
N GLN D 210 6.06 14.47 16.34
CA GLN D 210 7.11 15.21 15.66
C GLN D 210 7.44 14.61 14.30
N LEU D 211 7.31 13.29 14.17
CA LEU D 211 7.52 12.67 12.86
C LEU D 211 6.37 12.99 11.91
N GLY D 212 5.13 12.93 12.41
CA GLY D 212 3.99 13.25 11.57
C GLY D 212 3.96 14.72 11.16
N ILE D 213 4.38 15.59 12.08
CA ILE D 213 4.53 17.00 11.76
C ILE D 213 5.46 17.18 10.57
N ALA D 214 6.68 16.62 10.68
CA ALA D 214 7.71 16.87 9.68
C ALA D 214 7.27 16.43 8.29
N TYR D 215 6.79 15.20 8.15
CA TYR D 215 6.50 14.66 6.83
C TYR D 215 5.28 15.32 6.18
N GLN D 216 4.29 15.74 6.98
CA GLN D 216 3.18 16.49 6.40
C GLN D 216 3.66 17.86 5.92
N ILE D 217 4.64 18.43 6.62
CA ILE D 217 5.30 19.64 6.15
C ILE D 217 6.05 19.34 4.86
N ARG D 218 6.78 18.22 4.85
CA ARG D 218 7.47 17.77 3.65
C ARG D 218 6.48 17.62 2.49
N ALA D 219 5.24 17.21 2.80
CA ALA D 219 4.20 17.17 1.78
C ALA D 219 3.89 18.57 1.25
N ASP D 220 3.75 19.53 2.16
CA ASP D 220 3.59 20.92 1.75
C ASP D 220 4.80 21.40 0.96
N LEU D 221 5.99 20.89 1.29
CA LEU D 221 7.18 21.29 0.56
C LEU D 221 7.23 20.66 -0.82
N MET D 222 6.72 19.43 -0.97
CA MET D 222 6.70 18.80 -2.29
C MET D 222 5.80 19.56 -3.24
N ALA D 223 4.69 20.10 -2.74
CA ALA D 223 3.79 20.89 -3.58
C ALA D 223 4.41 22.21 -4.00
N TYR D 224 5.23 22.81 -3.14
CA TYR D 224 5.85 24.11 -3.40
C TYR D 224 4.82 25.19 -3.70
N ASN D 239 -10.50 22.66 -2.81
CA ASN D 239 -10.48 23.51 -1.63
C ASN D 239 -9.15 24.23 -1.47
N GLY D 240 -9.20 25.48 -1.03
CA GLY D 240 -8.02 26.23 -0.69
C GLY D 240 -7.51 25.88 0.69
N ARG D 241 -6.82 24.75 0.79
CA ARG D 241 -6.40 24.30 2.11
C ARG D 241 -5.06 24.93 2.47
N PRO D 242 -4.91 25.39 3.72
CA PRO D 242 -3.65 26.03 4.12
C PRO D 242 -2.52 25.02 4.26
N THR D 243 -1.32 25.45 3.88
CA THR D 243 -0.11 24.68 4.09
C THR D 243 0.91 25.55 4.80
N LEU D 244 1.90 24.91 5.40
CA LEU D 244 2.88 25.66 6.20
C LEU D 244 3.67 26.68 5.37
N PRO D 245 4.23 26.34 4.20
CA PRO D 245 4.96 27.36 3.42
C PRO D 245 4.16 28.62 3.14
N VAL D 246 2.89 28.47 2.76
CA VAL D 246 2.03 29.64 2.57
C VAL D 246 1.85 30.38 3.89
N LEU D 247 1.70 29.64 4.98
CA LEU D 247 1.44 30.27 6.28
C LEU D 247 2.65 31.05 6.77
N LEU D 248 3.85 30.48 6.66
CA LEU D 248 5.04 31.19 7.10
C LEU D 248 5.35 32.38 6.20
N ALA D 249 4.99 32.29 4.91
CA ALA D 249 5.07 33.45 4.04
C ALA D 249 4.17 34.57 4.53
N HIS D 250 3.02 34.23 5.11
CA HIS D 250 2.12 35.23 5.66
C HIS D 250 2.77 35.97 6.82
N GLU D 251 3.56 35.27 7.64
CA GLU D 251 4.16 35.90 8.82
C GLU D 251 5.13 37.02 8.43
N ARG D 252 5.94 36.81 7.38
CA ARG D 252 6.97 37.81 7.07
C ARG D 252 6.44 38.95 6.23
N ALA D 253 5.36 38.76 5.58
CA ALA D 253 4.99 39.80 4.62
C ALA D 253 4.21 40.92 5.34
N PRO D 254 4.40 42.15 4.89
CA PRO D 254 3.53 43.24 5.36
C PRO D 254 2.12 43.08 4.83
N ARG D 255 1.19 43.84 5.43
CA ARG D 255 -0.23 43.72 5.12
C ARG D 255 -0.47 43.72 3.62
N GLU D 256 0.34 44.46 2.86
CA GLU D 256 0.17 44.52 1.42
C GLU D 256 0.21 43.13 0.80
N GLN D 257 1.13 42.27 1.26
CA GLN D 257 1.21 40.92 0.71
C GLN D 257 0.36 39.92 1.49
N GLN D 258 0.10 40.18 2.77
CA GLN D 258 -0.88 39.38 3.50
C GLN D 258 -2.26 39.46 2.89
N LEU D 259 -2.67 40.68 2.49
CA LEU D 259 -3.95 40.84 1.81
C LEU D 259 -4.01 40.00 0.55
N ARG D 260 -2.92 39.98 -0.23
CA ARG D 260 -2.91 39.13 -1.42
C ARG D 260 -3.11 37.67 -1.07
N ILE D 261 -2.30 37.14 -0.13
CA ILE D 261 -2.30 35.71 0.18
C ILE D 261 -3.69 35.20 0.52
N GLU D 262 -4.48 36.00 1.24
CA GLU D 262 -5.77 35.52 1.73
C GLU D 262 -6.81 35.45 0.63
N ARG D 263 -6.72 36.34 -0.37
CA ARG D 263 -7.68 36.32 -1.48
C ARG D 263 -7.51 35.09 -2.35
N LEU D 264 -6.27 34.60 -2.52
CA LEU D 264 -6.07 33.40 -3.32
C LEU D 264 -6.75 32.20 -2.67
N LEU D 265 -6.61 32.07 -1.36
CA LEU D 265 -7.30 31.01 -0.64
C LEU D 265 -8.80 31.15 -0.78
N ALA D 266 -9.33 32.35 -0.57
CA ALA D 266 -10.75 32.64 -0.73
C ALA D 266 -11.17 32.50 -2.18
N ALA D 270 -13.77 31.76 -8.85
CA ALA D 270 -12.71 31.55 -9.83
C ALA D 270 -12.34 30.07 -9.92
N PRO D 271 -11.93 29.61 -11.10
CA PRO D 271 -11.54 28.21 -11.25
C PRO D 271 -10.28 27.89 -10.46
N ALA D 272 -10.28 26.71 -9.84
CA ALA D 272 -9.15 26.29 -9.02
C ALA D 272 -7.90 26.03 -9.86
N ALA D 273 -8.07 25.43 -11.04
CA ALA D 273 -6.94 25.11 -11.91
C ALA D 273 -6.10 26.34 -12.23
N GLU D 274 -6.73 27.39 -12.75
CA GLU D 274 -5.97 28.59 -13.09
C GLU D 274 -5.48 29.30 -11.83
N ARG D 275 -6.30 29.35 -10.79
CA ARG D 275 -5.89 29.94 -9.53
C ARG D 275 -4.85 29.07 -8.84
N LYS D 277 -2.31 27.36 -11.06
CA LYS D 277 -1.07 27.91 -11.57
C LYS D 277 -0.83 29.34 -11.09
N ALA D 278 -1.90 30.07 -10.80
CA ALA D 278 -1.75 31.39 -10.19
C ALA D 278 -1.12 31.27 -8.81
N MET D 279 -1.73 30.47 -7.93
CA MET D 279 -1.21 30.28 -6.58
C MET D 279 0.28 29.94 -6.58
N ALA D 280 0.71 29.07 -7.49
CA ALA D 280 2.13 28.74 -7.60
C ALA D 280 2.96 29.97 -7.94
N ASP D 281 2.43 30.84 -8.79
CA ASP D 281 3.17 32.04 -9.16
C ASP D 281 3.41 32.96 -7.97
N LEU D 282 2.39 33.14 -7.13
CA LEU D 282 2.51 34.08 -6.02
C LEU D 282 3.30 33.53 -4.84
N VAL D 283 3.27 32.22 -4.60
CA VAL D 283 4.12 31.64 -3.56
C VAL D 283 5.59 31.73 -3.95
N GLY D 284 5.90 31.58 -5.23
CA GLY D 284 7.29 31.69 -5.65
C GLY D 284 7.79 33.12 -5.59
N ALA D 285 6.95 34.08 -5.95
CA ALA D 285 7.32 35.48 -5.88
C ALA D 285 7.55 35.96 -4.45
N TYR D 286 6.98 35.27 -3.46
CA TYR D 286 7.11 35.69 -2.06
C TYR D 286 7.63 34.59 -1.16
N ASP D 287 8.42 33.66 -1.70
CA ASP D 287 9.26 32.76 -0.92
C ASP D 287 8.45 31.88 0.04
N GLY D 288 7.33 31.34 -0.46
CA GLY D 288 6.53 30.46 0.37
C GLY D 288 7.27 29.19 0.73
N ALA D 289 7.83 28.51 -0.27
CA ALA D 289 8.38 27.17 -0.09
C ALA D 289 9.53 27.14 0.90
N GLN D 290 10.51 28.04 0.73
CA GLN D 290 11.71 28.03 1.57
C GLN D 290 11.41 28.07 3.06
N ALA D 291 10.43 28.88 3.47
CA ALA D 291 10.20 29.11 4.90
C ALA D 291 9.88 27.83 5.67
N ALA D 292 9.12 26.93 5.07
CA ALA D 292 8.65 25.74 5.79
C ALA D 292 9.74 24.71 6.05
N ARG D 293 10.81 24.70 5.25
CA ARG D 293 11.84 23.66 5.39
C ARG D 293 12.47 23.66 6.78
N GLU D 294 12.90 24.83 7.25
CA GLU D 294 13.62 24.90 8.52
C GLU D 294 12.74 24.46 9.69
N VAL D 295 11.44 24.76 9.64
CA VAL D 295 10.54 24.31 10.70
C VAL D 295 10.52 22.79 10.76
N SER D 296 10.50 22.16 9.57
CA SER D 296 10.50 20.70 9.52
C SER D 296 11.69 20.13 10.29
N HIS D 297 12.87 20.70 10.07
CA HIS D 297 14.09 20.11 10.64
C HIS D 297 14.11 20.23 12.16
N ARG D 298 13.44 21.25 12.74
CA ARG D 298 13.37 21.35 14.19
C ARG D 298 12.60 20.18 14.79
N HIS D 299 11.48 19.81 14.17
CA HIS D 299 10.70 18.68 14.64
C HIS D 299 11.44 17.37 14.40
N VAL D 300 12.24 17.31 13.33
CA VAL D 300 13.11 16.16 13.08
C VAL D 300 13.98 15.87 14.30
N GLN D 301 14.58 16.91 14.88
CA GLN D 301 15.45 16.71 16.04
C GLN D 301 14.64 16.33 17.28
N LEU D 302 13.47 16.94 17.47
CA LEU D 302 12.65 16.60 18.63
C LEU D 302 12.24 15.13 18.60
N ALA D 303 11.96 14.60 17.42
CA ALA D 303 11.64 13.17 17.31
C ALA D 303 12.84 12.32 17.68
N THR D 304 14.03 12.71 17.24
CA THR D 304 15.25 11.97 17.59
C THR D 304 15.57 12.12 19.06
N ARG D 305 15.29 13.30 19.66
CA ARG D 305 15.52 13.47 21.09
C ARG D 305 14.61 12.57 21.90
N ALA D 306 13.34 12.46 21.51
CA ALA D 306 12.39 11.63 22.24
C ALA D 306 12.83 10.17 22.27
N LEU D 307 13.46 9.69 21.20
CA LEU D 307 13.90 8.31 21.15
C LEU D 307 15.04 8.00 22.12
N GLN D 308 15.80 9.02 22.54
CA GLN D 308 16.92 8.79 23.45
C GLN D 308 16.46 8.32 24.81
N THR D 309 15.18 8.50 25.16
CA THR D 309 14.68 8.01 26.42
C THR D 309 14.70 6.49 26.44
N LEU D 310 14.45 5.88 25.27
CA LEU D 310 14.42 4.44 25.14
C LEU D 310 15.83 3.87 25.26
N PRO D 311 15.95 2.58 25.58
CA PRO D 311 17.28 1.96 25.59
C PRO D 311 17.78 1.73 24.19
N PRO D 312 19.10 1.82 23.97
CA PRO D 312 19.66 1.57 22.64
C PRO D 312 19.46 0.14 22.18
N SER D 313 19.19 -0.01 20.89
CA SER D 313 18.95 -1.30 20.25
C SER D 313 18.91 -1.06 18.74
N PRO D 314 19.03 -2.13 17.94
CA PRO D 314 18.80 -1.93 16.49
C PRO D 314 17.41 -1.40 16.19
N HIS D 315 16.44 -1.72 17.04
CA HIS D 315 15.10 -1.17 16.88
C HIS D 315 15.11 0.35 17.08
N ARG D 316 15.89 0.82 18.05
CA ARG D 316 15.99 2.26 18.28
C ARG D 316 16.63 2.96 17.09
N ASP D 317 17.69 2.37 16.54
CA ASP D 317 18.36 2.95 15.38
C ASP D 317 17.44 3.01 14.17
N ALA D 318 16.62 1.97 13.96
CA ALA D 318 15.72 1.95 12.80
C ALA D 318 14.72 3.09 12.85
N LEU D 319 14.19 3.39 14.04
CA LEU D 319 13.26 4.51 14.19
C LEU D 319 13.95 5.86 14.02
N GLU D 320 15.22 5.98 14.42
CA GLU D 320 15.90 7.27 14.38
C GLU D 320 16.20 7.75 12.97
N ASP D 321 16.35 6.85 12.00
CA ASP D 321 16.60 7.27 10.62
C ASP D 321 15.35 7.75 9.92
N LEU D 322 14.18 7.33 10.37
CA LEU D 322 12.91 7.70 9.75
C LEU D 322 12.60 9.18 9.86
N THR D 323 13.39 9.95 10.61
CA THR D 323 13.12 11.38 10.72
C THR D 323 13.63 12.16 9.51
N VAL D 324 14.87 11.92 9.10
CA VAL D 324 15.38 12.40 7.82
C VAL D 324 14.53 11.67 6.79
N PRO D 325 14.34 12.16 5.56
CA PRO D 325 13.57 11.35 4.60
C PRO D 325 14.21 9.98 4.48
N GLY D 326 13.45 8.95 4.81
CA GLY D 326 13.97 7.61 4.80
C GLY D 326 13.07 6.72 3.98
N ARG D 327 12.00 7.34 3.47
CA ARG D 327 11.14 6.70 2.49
C ARG D 327 10.81 7.74 1.42
N LEU D 328 10.39 7.25 0.26
CA LEU D 328 10.28 8.08 -0.93
C LEU D 328 9.15 9.09 -0.80
N VAL D 329 8.94 9.87 -1.86
CA VAL D 329 7.71 10.64 -1.98
C VAL D 329 6.54 9.67 -2.10
N LEU D 330 6.82 8.43 -2.48
CA LEU D 330 5.78 7.41 -2.61
C LEU D 330 5.06 7.18 -1.29
N GLU D 331 5.73 7.43 -0.17
CA GLU D 331 5.05 7.36 1.13
C GLU D 331 3.91 8.37 1.18
N HIS D 332 4.15 9.60 0.72
CA HIS D 332 3.08 10.57 0.61
C HIS D 332 2.08 10.18 -0.47
N HIS D 333 2.55 9.46 -1.49
CA HIS D 333 1.63 8.87 -2.46
C HIS D 333 0.90 7.68 -1.87
N HIS D 334 1.53 6.97 -0.92
CA HIS D 334 0.85 5.87 -0.26
C HIS D 334 -0.08 6.38 0.84
N HIS D 335 0.30 7.45 1.53
CA HIS D 335 -0.67 8.16 2.37
C HIS D 335 -1.87 8.61 1.55
N HIS D 336 -1.64 8.93 0.28
CA HIS D 336 -2.72 9.23 -0.66
C HIS D 336 -3.35 7.95 -1.20
N HIS D 337 -2.59 7.15 -1.93
CA HIS D 337 -3.08 5.90 -2.49
C HIS D 337 -3.07 4.78 -1.46
MG MG E . -5.60 14.49 2.79
#